data_8JZS
#
_entry.id   8JZS
#
loop_
_entity.id
_entity.type
_entity.pdbx_description
1 polymer 'SLC15A4-TSLAA/EGPF tag protein'
2 non-polymer 2-acetamido-2-deoxy-beta-D-glucopyranose
3 non-polymer CHOLESTEROL
#
_entity_poly.entity_id   1
_entity_poly.type   'polypeptide(L)'
_entity_poly.pdbx_seq_one_letter_code
;MEGSGGGAGERAPLLGARRAAAAAAAAGAFAGRRAACGAVLLTELLERAAFYGITSNLVLFLNGAPFCWEGAQASEALLL
FMGLTYLGSPFGGWLADARLGRARAILLSLALYLLGMLAFPLLAAPATRAALCGSARLLNCTAPGPDAAARCCSPATFAG
LVLVGLGVATVKANITPFGADQVKDRGPEATRRFFNWFYWSINLGAILSLGGIAYIQQNVSFVTGYAIPTVCVGLAFVVF
LCGQSVFITKPPDGSAFTDMFKILTYSCCSQKRSGERQSNGEGIGVFQQSSKQSLFDSCKMSHGGPFTEEKVEDVKALVK
IVPVFLALIPYWTVYFQMQTTYVLQSLHLRIPEISNITTTPHTLPAAWLTMFDAVLILLLIPLKDKLVDPILRRHGLLPS
SLKRIAVGMFFVMCSAFAAGILESKRLNLVKEKTINQTIGNVVYHAADLSLWWQVPQYLLIGISEIFASIAGLEFAYSAA
PKSMQSAIMGLFFFFSGVGSFVGSGLLALVSIKAIGWMSSHTDFGNINGCYLNYYFFLLAAIQGATLLLFLIISVKYDHH
RDHQRSRANGVPTSRRAGSLEVLFQGPGGGSGGGSWSHPQFEKGGGSGGGSWSHPQFEK
;
_entity_poly.pdbx_strand_id   B,A
#
loop_
_chem_comp.id
_chem_comp.type
_chem_comp.name
_chem_comp.formula
CLR non-polymer CHOLESTEROL 'C27 H46 O'
NAG D-saccharide, beta linking 2-acetamido-2-deoxy-beta-D-glucopyranose 'C8 H15 N O6'
#
# COMPACT_ATOMS: atom_id res chain seq x y z
N ARG A 18 -25.42 16.68 15.01
CA ARG A 18 -26.18 15.51 15.38
C ARG A 18 -25.33 14.57 16.19
N ARG A 19 -25.18 13.34 15.69
CA ARG A 19 -24.33 12.40 16.36
C ARG A 19 -22.88 12.90 16.35
N ALA A 20 -22.47 13.51 15.25
CA ALA A 20 -21.11 13.98 15.15
C ALA A 20 -20.94 15.03 16.16
N ALA A 21 -21.95 15.87 16.30
CA ALA A 21 -21.82 16.97 17.21
C ALA A 21 -21.64 16.42 18.59
N ALA A 22 -22.41 15.40 18.90
CA ALA A 22 -22.30 14.80 20.20
C ALA A 22 -20.91 14.23 20.47
N ALA A 23 -20.35 13.54 19.48
CA ALA A 23 -19.02 12.99 19.66
C ALA A 23 -17.95 14.05 19.79
N ALA A 24 -18.07 15.14 19.05
CA ALA A 24 -17.11 16.21 19.23
C ALA A 24 -17.23 16.80 20.60
N ALA A 25 -18.43 16.91 21.11
CA ALA A 25 -18.60 17.39 22.44
C ALA A 25 -17.94 16.46 23.43
N ALA A 26 -18.02 15.15 23.21
CA ALA A 26 -17.32 14.20 24.09
C ALA A 26 -15.84 14.41 24.02
N ALA A 27 -15.33 14.62 22.82
CA ALA A 27 -13.93 14.91 22.72
C ALA A 27 -13.64 15.97 23.72
N GLY A 28 -14.55 16.90 23.99
CA GLY A 28 -14.28 17.85 25.12
C GLY A 28 -13.99 17.17 26.49
N ALA A 29 -13.19 16.11 26.62
CA ALA A 29 -12.92 15.23 27.75
C ALA A 29 -11.86 15.71 28.70
N PHE A 30 -11.49 14.85 29.62
CA PHE A 30 -10.58 15.24 30.67
C PHE A 30 -11.46 16.05 31.53
N ALA A 31 -11.56 17.35 31.35
CA ALA A 31 -12.55 18.10 32.10
C ALA A 31 -12.45 17.92 33.54
N GLY A 32 -13.33 17.17 34.13
CA GLY A 32 -13.19 17.08 35.56
C GLY A 32 -11.93 16.42 36.04
N ARG A 33 -11.57 15.32 35.42
CA ARG A 33 -10.45 14.57 35.83
C ARG A 33 -9.24 15.04 35.14
N ARG A 34 -8.54 15.99 35.71
CA ARG A 34 -7.35 16.47 35.12
C ARG A 34 -6.24 16.11 36.01
N ALA A 35 -6.50 15.86 37.26
CA ALA A 35 -5.51 15.38 38.17
C ALA A 35 -5.27 13.96 38.09
N ALA A 36 -6.33 13.20 37.97
CA ALA A 36 -6.19 11.78 38.00
C ALA A 36 -5.41 11.37 36.84
N CYS A 37 -5.60 11.98 35.71
CA CYS A 37 -4.76 11.69 34.56
C CYS A 37 -3.30 12.18 34.64
N GLY A 38 -3.00 13.43 34.80
CA GLY A 38 -1.64 13.92 34.85
C GLY A 38 -0.76 13.09 35.74
N ALA A 39 -1.31 12.57 36.84
CA ALA A 39 -0.58 11.65 37.69
C ALA A 39 -0.13 10.39 36.97
N VAL A 40 -1.03 9.74 36.23
CA VAL A 40 -0.67 8.57 35.45
C VAL A 40 0.33 8.93 34.36
N LEU A 41 0.11 10.07 33.69
CA LEU A 41 1.03 10.50 32.64
C LEU A 41 2.44 10.72 33.20
N LEU A 42 2.54 11.41 34.34
CA LEU A 42 3.85 11.65 34.94
C LEU A 42 4.50 10.35 35.40
N THR A 43 3.71 9.45 35.99
CA THR A 43 4.26 8.17 36.42
C THR A 43 4.83 7.39 35.24
N GLU A 44 4.09 7.34 34.13
CA GLU A 44 4.58 6.61 32.96
C GLU A 44 5.80 7.31 32.36
N LEU A 45 5.82 8.65 32.37
CA LEU A 45 6.99 9.37 31.89
C LEU A 45 8.23 8.98 32.67
N LEU A 46 8.13 8.98 34.00
CA LEU A 46 9.29 8.64 34.82
C LEU A 46 9.69 7.18 34.66
N GLU A 47 8.71 6.28 34.57
CA GLU A 47 9.02 4.86 34.38
C GLU A 47 9.74 4.64 33.06
N ARG A 48 9.26 5.27 31.98
CA ARG A 48 9.93 5.12 30.69
C ARG A 48 11.32 5.75 30.70
N ALA A 49 11.49 6.87 31.40
CA ALA A 49 12.81 7.46 31.52
C ALA A 49 13.78 6.49 32.19
N ALA A 50 13.35 5.84 33.27
CA ALA A 50 14.22 4.88 33.94
C ALA A 50 14.52 3.68 33.05
N PHE A 51 13.49 3.16 32.36
CA PHE A 51 13.70 2.01 31.49
C PHE A 51 14.69 2.31 30.37
N TYR A 52 14.56 3.49 29.74
CA TYR A 52 15.47 3.84 28.68
C TYR A 52 16.86 4.20 29.21
N GLY A 53 16.93 4.65 30.47
CA GLY A 53 18.23 4.84 31.08
C GLY A 53 18.99 3.52 31.27
N ILE A 54 18.27 2.48 31.68
CA ILE A 54 18.90 1.16 31.78
C ILE A 54 19.25 0.60 30.41
N THR A 55 18.31 0.65 29.47
CA THR A 55 18.48 -0.10 28.23
C THR A 55 19.54 0.54 27.32
N SER A 56 19.69 1.86 27.38
CA SER A 56 20.50 2.55 26.40
C SER A 56 21.97 2.14 26.47
N ASN A 57 22.54 2.07 27.68
CA ASN A 57 23.97 1.85 27.84
C ASN A 57 24.29 0.64 28.70
N LEU A 58 23.44 -0.39 28.67
CA LEU A 58 23.71 -1.60 29.45
C LEU A 58 24.96 -2.31 28.95
N VAL A 59 25.12 -2.42 27.64
CA VAL A 59 26.24 -3.16 27.07
C VAL A 59 27.56 -2.45 27.38
N LEU A 60 27.58 -1.12 27.26
CA LEU A 60 28.79 -0.36 27.57
C LEU A 60 29.16 -0.52 29.04
N PHE A 61 28.17 -0.49 29.93
CA PHE A 61 28.43 -0.69 31.35
C PHE A 61 29.01 -2.09 31.59
N LEU A 62 28.39 -3.10 31.01
CA LEU A 62 28.80 -4.48 31.26
C LEU A 62 30.17 -4.77 30.65
N ASN A 63 30.47 -4.18 29.50
CA ASN A 63 31.77 -4.33 28.87
C ASN A 63 32.59 -3.06 29.11
N GLY A 64 33.19 -2.99 30.29
CA GLY A 64 33.93 -1.81 30.70
C GLY A 64 34.90 -2.10 31.81
N ALA A 65 35.08 -1.12 32.70
CA ALA A 65 36.07 -1.28 33.78
C ALA A 65 35.54 -2.15 34.91
N PRO A 66 34.38 -1.86 35.53
CA PRO A 66 33.95 -2.71 36.65
C PRO A 66 33.71 -4.15 36.24
N PHE A 67 33.20 -4.39 35.03
CA PHE A 67 32.83 -5.71 34.57
C PHE A 67 33.60 -6.02 33.30
N CYS A 68 34.21 -7.20 33.25
CA CYS A 68 35.02 -7.63 32.12
C CYS A 68 34.26 -8.63 31.26
N TRP A 69 32.95 -8.44 31.13
CA TRP A 69 32.15 -9.35 30.33
C TRP A 69 32.46 -9.19 28.86
N GLU A 70 32.40 -10.31 28.13
CA GLU A 70 32.58 -10.27 26.68
C GLU A 70 31.35 -9.63 26.02
N GLY A 71 31.53 -9.22 24.77
CA GLY A 71 30.43 -8.61 24.04
C GLY A 71 29.26 -9.54 23.86
N ALA A 72 29.53 -10.82 23.57
CA ALA A 72 28.46 -11.79 23.44
C ALA A 72 27.72 -11.97 24.75
N GLN A 73 28.44 -12.02 25.87
CA GLN A 73 27.80 -12.18 27.17
C GLN A 73 26.91 -10.99 27.49
N ALA A 74 27.39 -9.77 27.22
CA ALA A 74 26.57 -8.59 27.48
C ALA A 74 25.34 -8.56 26.59
N SER A 75 25.50 -8.92 25.31
CA SER A 75 24.35 -8.96 24.41
C SER A 75 23.34 -9.99 24.86
N GLU A 76 23.78 -11.17 25.30
CA GLU A 76 22.86 -12.18 25.80
C GLU A 76 22.17 -11.71 27.07
N ALA A 77 22.89 -11.02 27.95
CA ALA A 77 22.29 -10.49 29.17
C ALA A 77 21.19 -9.48 28.85
N LEU A 78 21.46 -8.56 27.91
CA LEU A 78 20.45 -7.59 27.53
C LEU A 78 19.27 -8.27 26.85
N LEU A 79 19.54 -9.29 26.03
CA LEU A 79 18.45 -10.01 25.37
C LEU A 79 17.56 -10.71 26.39
N LEU A 80 18.16 -11.34 27.40
CA LEU A 80 17.37 -11.98 28.45
C LEU A 80 16.58 -10.95 29.25
N PHE A 81 17.20 -9.80 29.54
CA PHE A 81 16.48 -8.75 30.26
C PHE A 81 15.26 -8.27 29.48
N MET A 82 15.43 -8.04 28.17
CA MET A 82 14.30 -7.62 27.36
C MET A 82 13.25 -8.71 27.25
N GLY A 83 13.67 -9.96 27.11
CA GLY A 83 12.72 -11.05 27.00
C GLY A 83 11.91 -11.25 28.27
N LEU A 84 12.52 -10.99 29.42
CA LEU A 84 11.80 -11.10 30.67
C LEU A 84 10.67 -10.09 30.76
N THR A 85 10.91 -8.86 30.28
CA THR A 85 9.89 -7.81 30.31
C THR A 85 8.69 -8.13 29.44
N TYR A 86 8.84 -9.02 28.46
CA TYR A 86 7.73 -9.48 27.64
C TYR A 86 7.09 -10.75 28.19
N LEU A 87 7.90 -11.64 28.77
CA LEU A 87 7.36 -12.89 29.28
C LEU A 87 6.57 -12.67 30.57
N GLY A 88 6.98 -11.69 31.39
CA GLY A 88 6.30 -11.46 32.64
C GLY A 88 4.99 -10.70 32.52
N SER A 89 4.69 -10.16 31.33
CA SER A 89 3.47 -9.38 31.18
C SER A 89 2.20 -10.18 31.40
N PRO A 90 1.99 -11.35 30.79
CA PRO A 90 0.74 -12.08 31.06
C PRO A 90 0.56 -12.45 32.52
N PHE A 91 1.65 -12.82 33.20
CA PHE A 91 1.55 -13.18 34.61
C PHE A 91 1.40 -11.95 35.49
N GLY A 92 2.02 -10.83 35.10
CA GLY A 92 1.81 -9.59 35.84
C GLY A 92 0.38 -9.10 35.74
N GLY A 93 -0.23 -9.24 34.57
CA GLY A 93 -1.62 -8.86 34.43
C GLY A 93 -2.57 -9.74 35.22
N TRP A 94 -2.32 -11.04 35.23
CA TRP A 94 -3.17 -11.95 36.00
C TRP A 94 -3.08 -11.67 37.49
N LEU A 95 -1.87 -11.36 37.97
CA LEU A 95 -1.70 -11.02 39.38
C LEU A 95 -2.45 -9.75 39.74
N ALA A 96 -2.57 -8.83 38.78
CA ALA A 96 -3.22 -7.55 39.05
C ALA A 96 -4.73 -7.67 38.98
N ASP A 97 -5.24 -8.82 38.52
CA ASP A 97 -6.68 -8.96 38.36
C ASP A 97 -7.25 -9.96 39.38
N ALA A 98 -6.54 -11.05 39.61
CA ALA A 98 -7.08 -12.12 40.45
C ALA A 98 -6.81 -11.85 41.92
N ARG A 99 -5.55 -11.62 42.28
CA ARG A 99 -5.14 -11.53 43.68
C ARG A 99 -5.12 -10.10 44.22
N LEU A 100 -4.78 -9.12 43.38
CA LEU A 100 -4.69 -7.74 43.84
C LEU A 100 -5.51 -6.81 42.96
N GLY A 101 -5.55 -5.52 43.31
CA GLY A 101 -6.09 -4.52 42.44
C GLY A 101 -4.99 -3.94 41.57
N ARG A 102 -5.39 -3.14 40.58
CA ARG A 102 -4.40 -2.53 39.70
C ARG A 102 -3.49 -1.58 40.47
N ALA A 103 -4.06 -0.77 41.37
CA ALA A 103 -3.26 0.19 42.11
C ALA A 103 -2.23 -0.50 42.98
N ARG A 104 -2.66 -1.49 43.77
CA ARG A 104 -1.74 -2.20 44.65
C ARG A 104 -0.70 -2.98 43.85
N ALA A 105 -1.11 -3.61 42.75
CA ALA A 105 -0.15 -4.35 41.93
C ALA A 105 0.90 -3.41 41.34
N ILE A 106 0.47 -2.24 40.85
CA ILE A 106 1.45 -1.30 40.29
C ILE A 106 2.36 -0.76 41.38
N LEU A 107 1.82 -0.54 42.59
CA LEU A 107 2.68 -0.09 43.69
C LEU A 107 3.73 -1.13 44.04
N LEU A 108 3.33 -2.40 44.14
CA LEU A 108 4.30 -3.47 44.42
C LEU A 108 5.32 -3.59 43.32
N SER A 109 4.87 -3.50 42.06
CA SER A 109 5.79 -3.59 40.93
C SER A 109 6.78 -2.43 40.94
N LEU A 110 6.33 -1.22 41.29
CA LEU A 110 7.22 -0.09 41.35
C LEU A 110 8.22 -0.23 42.49
N ALA A 111 7.78 -0.78 43.62
CA ALA A 111 8.71 -1.04 44.72
C ALA A 111 9.79 -2.04 44.30
N LEU A 112 9.38 -3.12 43.63
CA LEU A 112 10.36 -4.10 43.15
C LEU A 112 11.29 -3.49 42.10
N TYR A 113 10.73 -2.62 41.24
CA TYR A 113 11.53 -1.95 40.22
C TYR A 113 12.57 -1.05 40.84
N LEU A 114 12.20 -0.31 41.89
CA LEU A 114 13.16 0.52 42.61
C LEU A 114 14.22 -0.33 43.30
N LEU A 115 13.80 -1.48 43.86
CA LEU A 115 14.77 -2.37 44.52
C LEU A 115 15.80 -2.87 43.51
N GLY A 116 15.35 -3.28 42.33
CA GLY A 116 16.28 -3.67 41.28
C GLY A 116 17.11 -2.50 40.78
N MET A 117 16.51 -1.31 40.76
CA MET A 117 17.21 -0.09 40.37
C MET A 117 18.40 0.19 41.27
N LEU A 118 18.24 0.00 42.59
CA LEU A 118 19.28 0.39 43.53
C LEU A 118 20.58 -0.39 43.35
N ALA A 119 20.56 -1.49 42.59
CA ALA A 119 21.75 -2.32 42.46
C ALA A 119 22.82 -1.66 41.59
N PHE A 120 22.43 -1.11 40.44
CA PHE A 120 23.38 -0.61 39.46
C PHE A 120 24.22 0.58 39.96
N PRO A 121 23.63 1.60 40.59
CA PRO A 121 24.49 2.68 41.14
C PRO A 121 25.53 2.16 42.12
N LEU A 122 25.17 1.19 42.96
CA LEU A 122 26.11 0.66 43.94
C LEU A 122 27.28 -0.05 43.25
N LEU A 123 26.99 -0.83 42.21
CA LEU A 123 28.05 -1.47 41.45
C LEU A 123 28.92 -0.43 40.74
N ALA A 124 28.30 0.62 40.20
CA ALA A 124 29.06 1.66 39.52
C ALA A 124 29.98 2.39 40.50
N ALA A 125 29.52 2.64 41.71
CA ALA A 125 30.33 3.31 42.71
C ALA A 125 31.53 2.43 43.07
N PRO A 126 32.75 2.97 43.09
CA PRO A 126 33.90 2.11 43.41
C PRO A 126 33.96 1.67 44.86
N ALA A 127 33.44 2.49 45.78
CA ALA A 127 33.52 2.14 47.20
C ALA A 127 32.56 1.00 47.55
N THR A 128 31.33 1.05 47.03
CA THR A 128 30.31 0.09 47.39
C THR A 128 30.32 -1.16 46.52
N ARG A 129 31.19 -1.23 45.51
CA ARG A 129 31.25 -2.42 44.67
C ARG A 129 31.81 -3.61 45.44
N ALA A 130 32.76 -3.36 46.34
CA ALA A 130 33.36 -4.44 47.11
C ALA A 130 32.35 -5.08 48.05
N ALA A 131 31.43 -4.29 48.59
CA ALA A 131 30.42 -4.83 49.49
C ALA A 131 29.52 -5.84 48.78
N LEU A 132 29.16 -5.55 47.53
CA LEU A 132 28.25 -6.43 46.81
C LEU A 132 29.00 -7.61 46.18
N CYS A 133 30.03 -7.32 45.38
CA CYS A 133 30.71 -8.40 44.66
C CYS A 133 32.23 -8.31 44.72
N GLY A 134 32.81 -7.79 45.80
CA GLY A 134 34.26 -7.74 45.89
C GLY A 134 34.91 -9.10 45.90
N SER A 135 34.32 -10.04 46.64
CA SER A 135 34.85 -11.40 46.73
C SER A 135 33.77 -12.38 47.16
N ALA A 150 34.92 -16.15 34.93
CA ALA A 150 34.23 -15.54 33.79
C ALA A 150 33.57 -14.23 34.19
N ARG A 151 32.29 -14.30 34.52
CA ARG A 151 31.55 -13.10 34.93
C ARG A 151 32.03 -12.65 36.30
N CYS A 152 32.35 -11.36 36.42
CA CYS A 152 32.92 -10.86 37.67
C CYS A 152 31.88 -10.81 38.78
N CYS A 153 30.69 -10.27 38.50
CA CYS A 153 29.65 -10.06 39.50
C CYS A 153 28.30 -10.54 38.98
N SER A 154 28.27 -11.75 38.43
CA SER A 154 27.04 -12.27 37.85
C SER A 154 25.85 -12.32 38.81
N PRO A 155 25.97 -12.75 40.08
CA PRO A 155 24.76 -12.88 40.90
C PRO A 155 24.02 -11.58 41.13
N ALA A 156 24.72 -10.53 41.56
CA ALA A 156 24.06 -9.26 41.85
C ALA A 156 23.46 -8.64 40.60
N THR A 157 24.21 -8.65 39.50
CA THR A 157 23.72 -8.09 38.25
C THR A 157 22.50 -8.84 37.74
N PHE A 158 22.53 -10.17 37.80
CA PHE A 158 21.38 -10.96 37.37
C PHE A 158 20.17 -10.73 38.25
N ALA A 159 20.36 -10.63 39.57
CA ALA A 159 19.24 -10.36 40.46
C ALA A 159 18.64 -8.99 40.16
N GLY A 160 19.49 -7.98 39.97
CA GLY A 160 18.99 -6.66 39.63
C GLY A 160 18.23 -6.64 38.32
N LEU A 161 18.77 -7.32 37.30
CA LEU A 161 18.09 -7.35 36.01
C LEU A 161 16.76 -8.09 36.10
N VAL A 162 16.72 -9.19 36.86
CA VAL A 162 15.47 -9.93 37.01
C VAL A 162 14.42 -9.08 37.71
N LEU A 163 14.81 -8.39 38.78
CA LEU A 163 13.86 -7.54 39.49
C LEU A 163 13.37 -6.40 38.60
N VAL A 164 14.29 -5.77 37.85
CA VAL A 164 13.90 -4.68 36.96
C VAL A 164 12.96 -5.19 35.88
N GLY A 165 13.25 -6.35 35.30
CA GLY A 165 12.40 -6.89 34.27
C GLY A 165 11.01 -7.23 34.76
N LEU A 166 10.91 -7.85 35.94
CA LEU A 166 9.59 -8.15 36.50
C LEU A 166 8.83 -6.87 36.80
N GLY A 167 9.50 -5.87 37.36
CA GLY A 167 8.83 -4.61 37.62
C GLY A 167 8.32 -3.93 36.36
N VAL A 168 9.15 -3.90 35.32
CA VAL A 168 8.74 -3.29 34.05
C VAL A 168 7.58 -4.06 33.44
N ALA A 169 7.64 -5.39 33.46
CA ALA A 169 6.57 -6.19 32.88
C ALA A 169 5.26 -5.98 33.62
N THR A 170 5.31 -5.89 34.95
CA THR A 170 4.08 -5.71 35.72
C THR A 170 3.53 -4.29 35.57
N VAL A 171 4.42 -3.29 35.44
CA VAL A 171 3.95 -1.92 35.26
C VAL A 171 3.29 -1.75 33.90
N LYS A 172 3.94 -2.23 32.85
CA LYS A 172 3.43 -2.00 31.49
C LYS A 172 2.06 -2.63 31.29
N ALA A 173 1.86 -3.84 31.82
CA ALA A 173 0.60 -4.53 31.59
C ALA A 173 -0.53 -3.94 32.43
N ASN A 174 -0.22 -3.06 33.37
CA ASN A 174 -1.22 -2.56 34.30
C ASN A 174 -1.40 -1.05 34.25
N ILE A 175 -0.38 -0.28 33.86
CA ILE A 175 -0.53 1.17 33.84
C ILE A 175 -1.46 1.60 32.72
N THR A 176 -1.40 0.93 31.56
CA THR A 176 -2.23 1.34 30.44
C THR A 176 -3.73 1.19 30.69
N PRO A 177 -4.24 0.10 31.28
CA PRO A 177 -5.69 0.07 31.55
C PRO A 177 -6.07 0.90 32.76
N PHE A 178 -5.16 1.04 33.74
CA PHE A 178 -5.45 1.87 34.90
C PHE A 178 -5.62 3.34 34.51
N GLY A 179 -4.77 3.82 33.59
CA GLY A 179 -4.89 5.21 33.16
C GLY A 179 -6.18 5.49 32.42
N ALA A 180 -6.58 4.56 31.55
CA ALA A 180 -7.82 4.76 30.79
C ALA A 180 -9.06 4.52 31.64
N ASP A 181 -8.90 3.98 32.84
CA ASP A 181 -10.06 3.77 33.71
C ASP A 181 -10.69 5.09 34.14
N GLN A 182 -9.87 6.13 34.38
CA GLN A 182 -10.42 7.41 34.80
C GLN A 182 -11.28 8.04 33.73
N VAL A 183 -10.87 7.93 32.46
CA VAL A 183 -11.59 8.59 31.36
C VAL A 183 -12.57 7.66 30.66
N LYS A 184 -12.73 6.43 31.13
CA LYS A 184 -13.66 5.51 30.49
C LYS A 184 -15.11 5.94 30.66
N ASP A 185 -15.51 6.69 31.64
CA ASP A 185 -16.92 7.03 31.71
C ASP A 185 -17.34 7.91 30.57
N ARG A 186 -16.55 8.88 30.13
CA ARG A 186 -17.04 9.75 29.11
C ARG A 186 -17.03 9.16 27.76
N GLY A 187 -17.50 7.97 27.60
CA GLY A 187 -17.64 7.28 26.35
C GLY A 187 -16.34 6.75 25.79
N PRO A 188 -16.28 6.44 24.45
CA PRO A 188 -15.05 5.98 23.81
C PRO A 188 -14.25 6.93 22.99
N GLU A 189 -14.29 8.20 23.32
CA GLU A 189 -13.50 9.14 22.65
C GLU A 189 -12.72 9.75 23.70
N ALA A 190 -13.12 9.69 24.96
CA ALA A 190 -12.13 10.15 25.92
C ALA A 190 -10.96 9.19 26.09
N THR A 191 -11.20 7.88 26.04
CA THR A 191 -10.13 6.90 26.11
C THR A 191 -9.24 6.94 24.88
N ARG A 192 -9.74 7.45 23.77
CA ARG A 192 -8.93 7.68 22.58
C ARG A 192 -8.04 8.90 22.69
N ARG A 193 -8.53 9.97 23.34
CA ARG A 193 -7.68 11.13 23.58
C ARG A 193 -6.65 10.85 24.67
N PHE A 194 -7.01 10.05 25.67
CA PHE A 194 -6.04 9.73 26.72
C PHE A 194 -4.87 8.92 26.16
N PHE A 195 -5.15 7.96 25.28
CA PHE A 195 -4.09 7.13 24.72
C PHE A 195 -3.17 7.89 23.79
N ASN A 196 -3.54 9.10 23.39
CA ASN A 196 -2.65 9.99 22.67
C ASN A 196 -1.61 10.64 23.56
N TRP A 197 -2.04 11.27 24.65
CA TRP A 197 -1.14 11.92 25.59
C TRP A 197 -0.39 10.93 26.45
N PHE A 198 -0.85 9.68 26.50
CA PHE A 198 -0.07 8.61 27.10
C PHE A 198 1.15 8.24 26.25
N TYR A 199 0.94 8.03 24.95
CA TYR A 199 2.06 7.80 24.04
C TYR A 199 2.97 9.01 23.96
N TRP A 200 2.39 10.21 24.00
CA TRP A 200 3.21 11.43 24.01
C TRP A 200 4.10 11.48 25.24
N SER A 201 3.55 11.13 26.41
CA SER A 201 4.37 11.14 27.62
C SER A 201 5.44 10.05 27.57
N ILE A 202 5.11 8.89 27.00
CA ILE A 202 6.12 7.84 26.84
C ILE A 202 7.27 8.35 25.99
N ASN A 203 6.96 9.00 24.87
CA ASN A 203 8.02 9.48 23.98
C ASN A 203 8.78 10.65 24.59
N LEU A 204 8.12 11.50 25.37
CA LEU A 204 8.84 12.57 26.07
C LEU A 204 9.81 11.99 27.09
N GLY A 205 9.38 10.96 27.82
CA GLY A 205 10.30 10.28 28.73
C GLY A 205 11.46 9.64 28.00
N ALA A 206 11.19 9.06 26.83
CA ALA A 206 12.28 8.49 26.03
C ALA A 206 13.27 9.56 25.60
N ILE A 207 12.78 10.73 25.17
CA ILE A 207 13.66 11.83 24.80
C ILE A 207 14.49 12.29 25.99
N LEU A 208 13.85 12.43 27.16
CA LEU A 208 14.59 12.87 28.34
C LEU A 208 15.66 11.89 28.74
N SER A 209 15.35 10.58 28.67
CA SER A 209 16.30 9.57 29.10
C SER A 209 17.45 9.42 28.11
N LEU A 210 17.13 9.34 26.81
CA LEU A 210 18.16 9.12 25.81
C LEU A 210 18.97 10.36 25.49
N GLY A 211 18.45 11.55 25.84
CA GLY A 211 19.18 12.78 25.58
C GLY A 211 20.06 13.19 26.74
N GLY A 212 19.46 13.30 27.93
CA GLY A 212 20.20 13.74 29.09
C GLY A 212 20.92 12.63 29.82
N ILE A 213 20.17 11.60 30.24
CA ILE A 213 20.74 10.53 31.03
C ILE A 213 21.78 9.74 30.23
N ALA A 214 21.46 9.43 28.98
CA ALA A 214 22.41 8.68 28.14
C ALA A 214 23.68 9.49 27.87
N TYR A 215 23.57 10.81 27.88
CA TYR A 215 24.75 11.66 27.72
C TYR A 215 25.64 11.58 28.95
N ILE A 216 25.04 11.68 30.15
CA ILE A 216 25.80 11.67 31.38
C ILE A 216 26.43 10.29 31.61
N GLN A 217 25.71 9.22 31.25
CA GLN A 217 26.21 7.88 31.49
C GLN A 217 27.51 7.61 30.75
N GLN A 218 27.72 8.28 29.62
CA GLN A 218 28.90 8.04 28.79
C GLN A 218 29.95 9.13 28.89
N ASN A 219 29.56 10.36 29.24
CA ASN A 219 30.51 11.46 29.26
C ASN A 219 30.97 11.84 30.67
N VAL A 220 30.04 11.96 31.63
CA VAL A 220 30.40 12.45 32.94
C VAL A 220 30.87 11.30 33.83
N SER A 221 29.97 10.37 34.13
CA SER A 221 30.27 9.24 35.00
C SER A 221 29.07 8.31 35.03
N PHE A 222 29.34 7.03 35.30
CA PHE A 222 28.26 6.05 35.38
C PHE A 222 27.49 6.16 36.70
N VAL A 223 28.16 6.58 37.77
CA VAL A 223 27.48 6.72 39.06
C VAL A 223 26.38 7.78 38.97
N THR A 224 26.72 8.96 38.45
CA THR A 224 25.73 10.00 38.30
C THR A 224 24.72 9.66 37.21
N GLY A 225 25.15 8.94 36.17
CA GLY A 225 24.25 8.55 35.11
C GLY A 225 23.24 7.49 35.51
N TYR A 226 23.54 6.71 36.56
CA TYR A 226 22.61 5.72 37.05
C TYR A 226 21.87 6.17 38.32
N ALA A 227 22.36 7.22 38.99
CA ALA A 227 21.59 7.76 40.11
C ALA A 227 20.33 8.45 39.64
N ILE A 228 20.37 9.12 38.49
CA ILE A 228 19.20 9.86 38.01
C ILE A 228 17.99 8.96 37.75
N PRO A 229 18.12 7.84 37.01
CA PRO A 229 16.93 6.99 36.81
C PRO A 229 16.39 6.40 38.11
N THR A 230 17.25 6.12 39.09
CA THR A 230 16.77 5.67 40.39
C THR A 230 15.92 6.75 41.06
N VAL A 231 16.35 8.00 40.96
CA VAL A 231 15.55 9.10 41.49
C VAL A 231 14.24 9.23 40.71
N CYS A 232 14.28 8.95 39.41
CA CYS A 232 13.04 8.96 38.63
C CYS A 232 12.06 7.90 39.11
N VAL A 233 12.56 6.69 39.38
CA VAL A 233 11.70 5.64 39.93
C VAL A 233 11.15 6.04 41.29
N GLY A 234 12.01 6.63 42.14
CA GLY A 234 11.55 7.08 43.43
C GLY A 234 10.45 8.13 43.34
N LEU A 235 10.61 9.08 42.43
CA LEU A 235 9.57 10.09 42.24
C LEU A 235 8.29 9.48 41.69
N ALA A 236 8.41 8.53 40.76
CA ALA A 236 7.23 7.87 40.21
C ALA A 236 6.44 7.12 41.28
N PHE A 237 7.11 6.62 42.31
CA PHE A 237 6.43 5.95 43.40
C PHE A 237 5.67 6.94 44.27
N VAL A 238 6.23 8.14 44.49
CA VAL A 238 5.58 9.14 45.31
C VAL A 238 4.30 9.66 44.65
N VAL A 239 4.29 9.74 43.32
CA VAL A 239 3.14 10.31 42.61
C VAL A 239 1.88 9.49 42.89
N PHE A 240 1.98 8.17 42.85
CA PHE A 240 0.81 7.33 43.12
C PHE A 240 0.35 7.46 44.57
N LEU A 241 1.28 7.50 45.52
CA LEU A 241 0.90 7.69 46.92
C LEU A 241 0.19 9.03 47.11
N CYS A 242 0.62 10.06 46.38
CA CYS A 242 -0.05 11.36 46.48
C CYS A 242 -1.38 11.35 45.75
N GLY A 243 -1.54 10.51 44.74
CA GLY A 243 -2.74 10.50 43.94
C GLY A 243 -3.72 9.38 44.25
N GLN A 244 -3.54 8.73 45.39
CA GLN A 244 -4.45 7.65 45.78
C GLN A 244 -5.85 8.17 46.10
N SER A 245 -5.99 9.46 46.35
CA SER A 245 -7.28 10.04 46.73
C SER A 245 -8.12 10.48 45.53
N VAL A 246 -7.58 10.40 44.31
CA VAL A 246 -8.27 10.87 43.11
C VAL A 246 -8.38 9.79 42.04
N PHE A 247 -7.88 8.59 42.29
CA PHE A 247 -7.90 7.53 41.29
C PHE A 247 -9.19 6.72 41.37
N ILE A 248 -9.48 6.00 40.29
CA ILE A 248 -10.65 5.14 40.21
C ILE A 248 -10.16 3.70 40.26
N THR A 249 -10.64 2.95 41.25
CA THR A 249 -10.18 1.59 41.50
C THR A 249 -11.32 0.60 41.26
N LYS A 250 -10.94 -0.66 41.06
CA LYS A 250 -11.87 -1.75 40.85
C LYS A 250 -11.52 -2.91 41.77
N PRO A 251 -12.51 -3.48 42.46
CA PRO A 251 -12.22 -4.61 43.35
C PRO A 251 -11.69 -5.79 42.56
N PRO A 252 -10.76 -6.55 43.13
CA PRO A 252 -10.26 -7.75 42.43
C PRO A 252 -11.34 -8.81 42.31
N ASP A 253 -11.22 -9.62 41.25
CA ASP A 253 -12.18 -10.70 41.01
C ASP A 253 -11.42 -11.86 40.34
N GLY A 254 -10.96 -12.80 41.17
CA GLY A 254 -10.34 -14.00 40.67
C GLY A 254 -11.27 -15.14 40.36
N SER A 255 -12.52 -15.03 40.80
CA SER A 255 -13.51 -16.08 40.51
C SER A 255 -13.74 -16.21 39.01
N ALA A 256 -13.74 -15.08 38.30
CA ALA A 256 -13.87 -15.13 36.85
C ALA A 256 -12.69 -15.86 36.21
N PHE A 257 -11.47 -15.57 36.66
CA PHE A 257 -10.32 -16.26 36.10
C PHE A 257 -10.39 -17.76 36.37
N THR A 258 -10.81 -18.14 37.58
CA THR A 258 -10.98 -19.55 37.87
C THR A 258 -12.04 -20.18 36.98
N ASP A 259 -13.15 -19.47 36.76
CA ASP A 259 -14.24 -20.02 35.95
C ASP A 259 -13.81 -20.22 34.50
N MET A 260 -13.08 -19.28 33.93
CA MET A 260 -12.67 -19.39 32.54
C MET A 260 -11.29 -20.02 32.36
N PHE A 261 -10.65 -20.50 33.41
CA PHE A 261 -9.44 -21.28 33.25
C PHE A 261 -9.60 -22.74 33.69
N LYS A 262 -10.09 -22.97 34.92
CA LYS A 262 -10.11 -24.32 35.46
C LYS A 262 -11.11 -25.21 34.73
N ILE A 263 -12.33 -24.72 34.53
CA ILE A 263 -13.39 -25.52 33.91
C ILE A 263 -13.60 -25.12 32.44
N LEU A 264 -12.61 -24.49 31.82
CA LEU A 264 -12.71 -24.21 30.39
C LEU A 264 -12.69 -25.49 29.57
N THR A 265 -11.89 -26.48 29.99
CA THR A 265 -11.81 -27.75 29.26
C THR A 265 -13.12 -28.53 29.31
N TYR A 266 -14.01 -28.21 30.25
CA TYR A 266 -15.29 -28.89 30.30
C TYR A 266 -16.11 -28.62 29.05
N SER A 267 -16.06 -27.39 28.54
CA SER A 267 -16.77 -27.03 27.33
C SER A 267 -16.16 -27.73 26.11
N MET A 301 -16.43 -24.08 23.07
CA MET A 301 -16.00 -22.71 23.38
C MET A 301 -17.20 -21.77 23.34
N SER A 302 -18.40 -22.32 23.23
CA SER A 302 -19.62 -21.55 23.17
C SER A 302 -20.79 -22.46 23.52
N HIS A 303 -22.01 -21.96 23.30
CA HIS A 303 -23.24 -22.73 23.53
C HIS A 303 -23.33 -23.21 24.97
N GLY A 304 -23.08 -22.30 25.92
CA GLY A 304 -23.18 -22.65 27.33
C GLY A 304 -24.60 -23.01 27.75
N GLY A 305 -25.59 -22.33 27.15
CA GLY A 305 -26.97 -22.58 27.47
C GLY A 305 -27.32 -22.21 28.89
N PRO A 306 -28.14 -23.05 29.55
CA PRO A 306 -28.49 -22.77 30.95
C PRO A 306 -27.29 -22.71 31.87
N PHE A 307 -26.25 -23.51 31.61
CA PHE A 307 -25.04 -23.45 32.41
C PHE A 307 -24.32 -22.13 32.15
N THR A 308 -23.87 -21.49 33.24
CA THR A 308 -23.17 -20.21 33.21
C THR A 308 -24.12 -19.08 32.79
N GLU A 309 -23.85 -17.85 33.25
CA GLU A 309 -24.77 -16.73 33.07
C GLU A 309 -24.40 -15.82 31.91
N GLU A 310 -23.20 -15.22 31.90
CA GLU A 310 -22.73 -14.53 30.70
C GLU A 310 -21.23 -14.71 30.48
N LYS A 311 -20.57 -15.60 31.20
CA LYS A 311 -19.14 -15.80 31.02
C LYS A 311 -18.83 -16.44 29.68
N VAL A 312 -19.80 -17.11 29.06
CA VAL A 312 -19.62 -17.62 27.71
C VAL A 312 -19.36 -16.46 26.75
N GLU A 313 -19.97 -15.30 27.02
CA GLU A 313 -19.74 -14.13 26.17
C GLU A 313 -18.28 -13.70 26.20
N ASP A 314 -17.67 -13.68 27.40
CA ASP A 314 -16.27 -13.27 27.46
C ASP A 314 -15.34 -14.37 26.95
N VAL A 315 -15.73 -15.64 27.06
CA VAL A 315 -14.98 -16.70 26.40
C VAL A 315 -14.99 -16.48 24.89
N LYS A 316 -16.16 -16.14 24.34
CA LYS A 316 -16.25 -15.80 22.91
C LYS A 316 -15.35 -14.62 22.57
N ALA A 317 -15.36 -13.60 23.42
CA ALA A 317 -14.51 -12.43 23.18
C ALA A 317 -13.03 -12.82 23.16
N LEU A 318 -12.61 -13.67 24.10
CA LEU A 318 -11.22 -14.12 24.14
C LEU A 318 -10.85 -14.86 22.86
N VAL A 319 -11.64 -15.87 22.50
CA VAL A 319 -11.31 -16.69 21.34
C VAL A 319 -11.50 -15.93 20.04
N LYS A 320 -12.18 -14.79 20.07
CA LYS A 320 -12.36 -13.96 18.89
C LYS A 320 -11.28 -12.90 18.75
N ILE A 321 -10.69 -12.44 19.86
CA ILE A 321 -9.60 -11.47 19.77
C ILE A 321 -8.23 -12.11 19.72
N VAL A 322 -8.10 -13.40 20.06
CA VAL A 322 -6.82 -14.07 19.92
C VAL A 322 -6.30 -14.05 18.47
N PRO A 323 -7.11 -14.36 17.45
CA PRO A 323 -6.57 -14.32 16.08
C PRO A 323 -6.05 -12.96 15.65
N VAL A 324 -6.68 -11.88 16.11
CA VAL A 324 -6.20 -10.54 15.75
C VAL A 324 -4.81 -10.30 16.32
N PHE A 325 -4.59 -10.71 17.57
CA PHE A 325 -3.26 -10.59 18.16
C PHE A 325 -2.26 -11.47 17.43
N LEU A 326 -2.68 -12.68 17.04
CA LEU A 326 -1.78 -13.57 16.32
C LEU A 326 -1.36 -12.99 14.97
N ALA A 327 -2.29 -12.35 14.27
CA ALA A 327 -1.98 -11.77 12.96
C ALA A 327 -1.08 -10.54 13.05
N LEU A 328 -0.85 -10.02 14.25
CA LEU A 328 -0.01 -8.83 14.41
C LEU A 328 1.45 -9.15 14.69
N ILE A 329 1.82 -10.44 14.77
CA ILE A 329 3.22 -10.79 15.00
C ILE A 329 4.14 -10.28 13.91
N PRO A 330 3.82 -10.43 12.61
CA PRO A 330 4.72 -9.85 11.59
C PRO A 330 4.85 -8.34 11.67
N TYR A 331 3.83 -7.64 12.17
CA TYR A 331 3.97 -6.20 12.33
C TYR A 331 5.10 -5.84 13.29
N TRP A 332 5.11 -6.47 14.48
CA TRP A 332 6.20 -6.24 15.42
C TRP A 332 7.52 -6.77 14.87
N THR A 333 7.48 -7.90 14.17
CA THR A 333 8.68 -8.43 13.51
C THR A 333 9.35 -7.39 12.66
N VAL A 334 8.59 -6.73 11.79
CA VAL A 334 9.14 -5.67 10.96
C VAL A 334 9.49 -4.41 11.76
N TYR A 335 8.67 -4.06 12.74
CA TYR A 335 8.85 -2.80 13.46
C TYR A 335 10.15 -2.79 14.27
N PHE A 336 10.45 -3.89 14.97
CA PHE A 336 11.69 -3.93 15.74
C PHE A 336 12.93 -4.01 14.85
N GLN A 337 12.84 -4.75 13.73
CA GLN A 337 13.93 -4.77 12.79
C GLN A 337 14.19 -3.41 12.17
N MET A 338 13.14 -2.63 11.92
CA MET A 338 13.31 -1.24 11.53
C MET A 338 13.94 -0.39 12.63
N GLN A 339 13.56 -0.62 13.88
CA GLN A 339 14.24 0.07 14.98
C GLN A 339 15.74 -0.17 14.94
N THR A 340 16.16 -1.41 14.69
CA THR A 340 17.58 -1.76 14.74
C THR A 340 18.34 -1.29 13.50
N THR A 341 17.85 -1.67 12.31
CA THR A 341 18.62 -1.42 11.09
C THR A 341 18.62 0.06 10.71
N TYR A 342 17.61 0.83 11.14
CA TYR A 342 17.65 2.26 10.88
C TYR A 342 18.81 2.92 11.60
N VAL A 343 19.05 2.53 12.86
CA VAL A 343 20.21 3.03 13.60
C VAL A 343 21.49 2.51 12.97
N LEU A 344 21.48 1.25 12.51
CA LEU A 344 22.67 0.72 11.83
C LEU A 344 23.02 1.56 10.61
N GLN A 345 22.01 1.97 9.84
CA GLN A 345 22.26 2.82 8.68
C GLN A 345 22.67 4.23 9.08
N SER A 346 22.08 4.76 10.16
CA SER A 346 22.43 6.09 10.63
C SER A 346 23.89 6.17 11.06
N LEU A 347 24.40 5.10 11.66
CA LEU A 347 25.80 5.09 12.07
C LEU A 347 26.74 5.23 10.87
N HIS A 348 26.32 4.74 9.70
CA HIS A 348 27.15 4.74 8.49
C HIS A 348 26.73 5.85 7.52
N LEU A 349 26.37 7.01 8.06
CA LEU A 349 25.95 8.15 7.28
C LEU A 349 26.61 9.38 7.89
N ARG A 350 26.85 10.40 7.08
CA ARG A 350 27.60 11.55 7.58
C ARG A 350 26.82 12.29 8.65
N ILE A 351 27.34 12.27 9.87
CA ILE A 351 26.70 12.87 11.05
C ILE A 351 27.47 14.13 11.42
N PRO A 352 26.83 15.29 11.43
CA PRO A 352 27.55 16.53 11.78
C PRO A 352 27.93 16.56 13.25
N GLU A 353 29.00 17.29 13.55
CA GLU A 353 29.44 17.49 14.91
C GLU A 353 28.70 18.66 15.55
N ILE A 354 28.70 18.68 16.88
CA ILE A 354 27.97 19.69 17.63
C ILE A 354 28.89 20.72 18.28
N SER A 355 30.07 20.32 18.76
CA SER A 355 30.96 21.25 19.43
C SER A 355 32.36 21.23 18.79
N ASN A 356 33.30 21.92 19.42
CA ASN A 356 34.66 22.00 18.89
C ASN A 356 35.63 21.21 19.77
N PRO A 361 33.72 16.31 27.82
CA PRO A 361 32.70 15.45 27.21
C PRO A 361 32.78 15.45 25.69
N HIS A 362 33.01 14.27 25.10
CA HIS A 362 33.13 14.11 23.67
C HIS A 362 32.35 12.88 23.23
N THR A 363 32.36 12.62 21.92
CA THR A 363 31.84 11.37 21.37
C THR A 363 30.37 11.15 21.74
N LEU A 364 29.48 11.97 21.18
CA LEU A 364 28.05 11.87 21.45
C LEU A 364 27.57 10.42 21.45
N PRO A 365 26.64 10.07 22.33
CA PRO A 365 26.19 8.69 22.43
C PRO A 365 25.47 8.23 21.17
N ALA A 366 25.59 6.93 20.89
CA ALA A 366 24.86 6.36 19.76
C ALA A 366 23.36 6.36 20.01
N ALA A 367 22.96 6.28 21.29
CA ALA A 367 21.54 6.26 21.63
C ALA A 367 20.82 7.49 21.10
N TRP A 368 21.53 8.61 20.96
CA TRP A 368 20.93 9.82 20.42
C TRP A 368 20.26 9.56 19.08
N LEU A 369 20.84 8.67 18.27
CA LEU A 369 20.26 8.38 16.96
C LEU A 369 18.83 7.85 17.09
N THR A 370 18.60 6.95 18.05
CA THR A 370 17.23 6.45 18.25
C THR A 370 16.29 7.60 18.54
N MET A 371 16.76 8.60 19.31
CA MET A 371 15.94 9.77 19.62
C MET A 371 15.23 10.30 18.39
N PHE A 372 15.91 10.26 17.23
CA PHE A 372 15.33 10.80 16.00
C PHE A 372 13.87 10.38 15.84
N ASP A 373 13.60 9.08 15.92
CA ASP A 373 12.24 8.62 15.73
C ASP A 373 11.29 9.30 16.71
N ALA A 374 11.60 9.22 18.00
CA ALA A 374 10.72 9.81 19.00
C ALA A 374 10.67 11.32 18.85
N VAL A 375 11.74 11.94 18.33
CA VAL A 375 11.71 13.39 18.15
C VAL A 375 10.59 13.78 17.20
N LEU A 376 10.34 12.96 16.18
CA LEU A 376 9.20 13.21 15.31
C LEU A 376 7.89 13.06 16.07
N ILE A 377 7.79 12.01 16.89
CA ILE A 377 6.49 11.61 17.44
C ILE A 377 5.89 12.74 18.27
N LEU A 378 6.69 13.34 19.15
CA LEU A 378 6.24 14.52 19.88
C LEU A 378 5.62 15.53 18.94
N LEU A 379 6.40 16.00 17.96
CA LEU A 379 5.92 17.06 17.09
C LEU A 379 4.67 16.64 16.31
N LEU A 380 4.39 15.35 16.25
CA LEU A 380 3.21 14.90 15.51
C LEU A 380 1.98 14.80 16.41
N ILE A 381 2.15 14.41 17.68
CA ILE A 381 0.99 13.98 18.48
C ILE A 381 0.03 15.13 18.77
N PRO A 382 0.47 16.32 19.23
CA PRO A 382 -0.47 17.43 19.34
C PRO A 382 -1.12 17.76 18.01
N LEU A 383 -0.28 18.11 17.04
CA LEU A 383 -0.76 18.47 15.71
C LEU A 383 -1.80 17.49 15.21
N LYS A 384 -1.40 16.23 15.03
CA LYS A 384 -2.31 15.17 14.64
C LYS A 384 -3.62 15.28 15.38
N ASP A 385 -3.55 15.25 16.72
CA ASP A 385 -4.73 15.31 17.56
C ASP A 385 -5.71 16.34 17.03
N LYS A 386 -5.27 17.60 16.98
CA LYS A 386 -6.14 18.65 16.45
C LYS A 386 -6.57 18.31 15.03
N LEU A 387 -5.61 18.19 14.13
CA LEU A 387 -5.96 17.94 12.74
C LEU A 387 -6.52 16.54 12.51
N VAL A 388 -6.83 15.79 13.56
CA VAL A 388 -7.52 14.52 13.36
C VAL A 388 -8.79 14.51 14.21
N ASP A 389 -8.82 15.31 15.27
CA ASP A 389 -9.98 15.11 16.14
C ASP A 389 -11.21 15.82 15.54
N PRO A 390 -11.15 17.10 15.15
CA PRO A 390 -12.20 17.61 14.27
C PRO A 390 -12.27 16.90 12.92
N ILE A 391 -11.17 16.96 12.17
CA ILE A 391 -11.22 16.72 10.72
C ILE A 391 -11.75 15.32 10.42
N LEU A 392 -11.23 14.32 11.10
CA LEU A 392 -11.62 12.95 10.81
C LEU A 392 -12.88 12.51 11.53
N ARG A 393 -13.46 13.36 12.38
CA ARG A 393 -14.66 12.95 13.10
C ARG A 393 -15.94 13.45 12.43
N ARG A 394 -15.98 14.74 12.07
CA ARG A 394 -17.17 15.26 11.41
C ARG A 394 -17.37 14.69 10.02
N HIS A 395 -16.34 14.10 9.42
CA HIS A 395 -16.46 13.46 8.13
C HIS A 395 -16.69 11.96 8.22
N GLY A 396 -16.67 11.39 9.42
CA GLY A 396 -16.87 9.96 9.57
C GLY A 396 -15.84 9.11 8.87
N LEU A 397 -14.57 9.51 8.95
CA LEU A 397 -13.49 8.83 8.25
C LEU A 397 -12.64 8.07 9.25
N LEU A 398 -12.40 6.78 8.98
CA LEU A 398 -11.48 5.94 9.73
C LEU A 398 -11.83 5.91 11.21
N PRO A 399 -13.03 5.46 11.58
CA PRO A 399 -13.42 5.52 13.01
C PRO A 399 -12.95 4.32 13.82
N SER A 400 -12.80 3.17 13.17
CA SER A 400 -12.46 1.95 13.89
C SER A 400 -10.96 1.91 14.21
N SER A 401 -10.62 1.06 15.18
CA SER A 401 -9.24 0.94 15.63
C SER A 401 -8.41 -0.05 14.81
N LEU A 402 -9.03 -0.78 13.89
CA LEU A 402 -8.31 -1.75 13.07
C LEU A 402 -7.92 -1.19 11.71
N LYS A 403 -8.78 -0.36 11.12
CA LYS A 403 -8.39 0.32 9.88
C LYS A 403 -7.22 1.26 10.11
N ARG A 404 -7.12 1.83 11.31
CA ARG A 404 -5.96 2.66 11.63
C ARG A 404 -4.69 1.82 11.71
N ILE A 405 -4.78 0.60 12.23
CA ILE A 405 -3.63 -0.30 12.21
C ILE A 405 -3.25 -0.64 10.78
N ALA A 406 -4.25 -0.82 9.91
CA ALA A 406 -3.96 -1.08 8.50
C ALA A 406 -3.24 0.10 7.85
N VAL A 407 -3.66 1.32 8.16
CA VAL A 407 -2.99 2.51 7.63
C VAL A 407 -1.56 2.58 8.16
N GLY A 408 -1.37 2.26 9.43
CA GLY A 408 -0.02 2.22 9.98
C GLY A 408 0.87 1.21 9.26
N MET A 409 0.31 0.03 8.95
CA MET A 409 1.06 -0.97 8.20
C MET A 409 1.42 -0.47 6.80
N PHE A 410 0.48 0.23 6.14
CA PHE A 410 0.78 0.81 4.84
C PHE A 410 1.96 1.77 4.91
N PHE A 411 1.94 2.66 5.91
CA PHE A 411 3.05 3.60 6.04
C PHE A 411 4.35 2.92 6.47
N VAL A 412 4.27 1.81 7.20
CA VAL A 412 5.47 1.02 7.50
C VAL A 412 6.09 0.49 6.22
N MET A 413 5.26 -0.05 5.34
CA MET A 413 5.78 -0.56 4.07
C MET A 413 6.39 0.56 3.24
N CYS A 414 5.74 1.73 3.21
CA CYS A 414 6.31 2.85 2.47
C CYS A 414 7.66 3.28 3.05
N SER A 415 7.77 3.29 4.38
CA SER A 415 9.05 3.61 5.02
C SER A 415 10.12 2.59 4.67
N ALA A 416 9.75 1.31 4.62
CA ALA A 416 10.72 0.28 4.23
C ALA A 416 11.22 0.51 2.82
N PHE A 417 10.31 0.85 1.90
CA PHE A 417 10.73 1.12 0.54
C PHE A 417 11.65 2.34 0.45
N ALA A 418 11.32 3.41 1.19
CA ALA A 418 12.18 4.58 1.20
C ALA A 418 13.57 4.25 1.76
N ALA A 419 13.60 3.43 2.81
CA ALA A 419 14.86 3.00 3.39
C ALA A 419 15.68 2.18 2.40
N GLY A 420 15.02 1.30 1.65
CA GLY A 420 15.71 0.54 0.63
C GLY A 420 16.31 1.41 -0.46
N ILE A 421 15.55 2.43 -0.90
CA ILE A 421 16.07 3.35 -1.90
C ILE A 421 17.28 4.09 -1.38
N LEU A 422 17.19 4.60 -0.14
CA LEU A 422 18.32 5.34 0.43
C LEU A 422 19.53 4.44 0.61
N GLU A 423 19.31 3.18 0.99
CA GLU A 423 20.43 2.26 1.17
C GLU A 423 21.09 1.93 -0.17
N SER A 424 20.30 1.78 -1.23
CA SER A 424 20.88 1.58 -2.55
C SER A 424 21.72 2.79 -2.96
N LYS A 425 21.21 3.99 -2.71
CA LYS A 425 22.00 5.19 -3.01
C LYS A 425 23.29 5.22 -2.21
N ARG A 426 23.22 4.88 -0.92
CA ARG A 426 24.41 4.89 -0.07
C ARG A 426 25.43 3.85 -0.54
N LEU A 427 24.96 2.67 -0.92
CA LEU A 427 25.88 1.63 -1.38
C LEU A 427 26.50 1.99 -2.73
N ASN A 428 25.76 2.71 -3.57
CA ASN A 428 26.36 3.21 -4.80
C ASN A 428 27.39 4.29 -4.53
N LEU A 429 27.13 5.14 -3.54
CA LEU A 429 28.04 6.25 -3.25
C LEU A 429 29.30 5.78 -2.52
N VAL A 430 29.20 4.72 -1.73
CA VAL A 430 30.32 4.32 -0.88
C VAL A 430 31.48 3.78 -1.71
N LYS A 431 31.21 3.28 -2.92
CA LYS A 431 32.28 2.74 -3.75
C LYS A 431 33.27 3.82 -4.19
N GLU A 432 32.86 5.08 -4.19
CA GLU A 432 33.74 6.16 -4.61
C GLU A 432 34.70 6.56 -3.50
N LYS A 433 34.16 6.99 -2.36
CA LYS A 433 34.99 7.42 -1.24
C LYS A 433 34.25 7.11 0.05
N THR A 434 35.02 7.08 1.15
CA THR A 434 34.46 6.80 2.47
C THR A 434 35.22 7.62 3.49
N ILE A 435 34.51 8.09 4.51
CA ILE A 435 35.10 8.87 5.60
C ILE A 435 34.94 8.09 6.90
N ASN A 436 35.71 8.49 7.90
CA ASN A 436 35.68 7.85 9.21
C ASN A 436 35.13 8.84 10.24
N GLN A 437 34.14 8.40 11.02
CA GLN A 437 33.58 9.24 12.07
C GLN A 437 33.43 8.42 13.35
N THR A 438 33.75 9.03 14.49
CA THR A 438 33.72 8.33 15.76
C THR A 438 32.41 8.57 16.49
N ILE A 439 31.81 7.49 17.00
CA ILE A 439 30.56 7.55 17.75
C ILE A 439 30.75 6.70 19.00
N GLY A 440 30.93 7.34 20.14
CA GLY A 440 31.20 6.62 21.37
C GLY A 440 32.67 6.36 21.55
N ASN A 441 33.12 5.16 21.18
CA ASN A 441 34.54 4.86 21.15
C ASN A 441 34.94 4.05 19.93
N VAL A 442 34.05 3.97 18.93
CA VAL A 442 34.29 3.19 17.73
C VAL A 442 34.11 4.10 16.52
N VAL A 443 34.96 3.92 15.52
CA VAL A 443 34.91 4.71 14.29
C VAL A 443 34.17 3.90 13.23
N TYR A 444 33.17 4.52 12.63
CA TYR A 444 32.39 3.94 11.54
C TYR A 444 32.84 4.54 10.22
N HIS A 445 32.80 3.71 9.18
CA HIS A 445 33.08 4.16 7.83
C HIS A 445 31.76 4.53 7.16
N ALA A 446 31.62 5.80 6.80
CA ALA A 446 30.37 6.34 6.30
C ALA A 446 30.59 7.03 4.96
N ALA A 447 29.57 6.95 4.12
CA ALA A 447 29.58 7.68 2.86
C ALA A 447 29.37 9.17 3.12
N ASP A 448 29.70 9.98 2.12
CA ASP A 448 29.54 11.44 2.22
C ASP A 448 28.13 11.86 1.81
N LEU A 449 27.15 11.22 2.45
CA LEU A 449 25.74 11.48 2.23
C LEU A 449 25.14 11.92 3.56
N SER A 450 24.45 13.06 3.55
CA SER A 450 24.04 13.70 4.79
C SER A 450 23.05 12.84 5.56
N LEU A 451 23.13 12.93 6.89
CA LEU A 451 22.23 12.15 7.75
C LEU A 451 20.78 12.60 7.60
N TRP A 452 20.56 13.89 7.35
CA TRP A 452 19.20 14.41 7.24
C TRP A 452 18.44 13.84 6.06
N TRP A 453 19.13 13.24 5.09
CA TRP A 453 18.44 12.54 4.01
C TRP A 453 17.66 11.34 4.51
N GLN A 454 17.90 10.93 5.75
CA GLN A 454 17.14 9.88 6.42
C GLN A 454 15.84 10.38 7.02
N VAL A 455 15.57 11.69 6.93
CA VAL A 455 14.33 12.24 7.48
C VAL A 455 13.09 11.63 6.81
N PRO A 456 13.01 11.49 5.48
CA PRO A 456 11.79 10.91 4.90
C PRO A 456 11.45 9.52 5.42
N GLN A 457 12.44 8.75 5.88
CA GLN A 457 12.12 7.46 6.47
C GLN A 457 11.32 7.64 7.75
N TYR A 458 11.87 8.42 8.68
CA TYR A 458 11.34 8.53 10.03
C TYR A 458 9.98 9.20 10.09
N LEU A 459 9.63 10.00 9.08
CA LEU A 459 8.26 10.49 8.98
C LEU A 459 7.30 9.33 8.77
N LEU A 460 7.59 8.47 7.80
CA LEU A 460 6.63 7.45 7.39
C LEU A 460 6.36 6.45 8.51
N ILE A 461 7.41 6.01 9.22
CA ILE A 461 7.18 5.19 10.40
C ILE A 461 6.55 6.02 11.52
N GLY A 462 6.94 7.30 11.65
CA GLY A 462 6.34 8.12 12.69
C GLY A 462 4.84 8.22 12.54
N ILE A 463 4.38 8.51 11.32
CA ILE A 463 2.95 8.48 11.05
C ILE A 463 2.37 7.13 11.39
N SER A 464 3.11 6.06 11.06
CA SER A 464 2.68 4.72 11.44
C SER A 464 2.48 4.61 12.95
N GLU A 465 3.44 5.10 13.73
CA GLU A 465 3.29 5.05 15.17
C GLU A 465 2.19 5.98 15.66
N ILE A 466 1.80 6.95 14.84
CA ILE A 466 0.62 7.75 15.14
C ILE A 466 -0.64 6.89 15.02
N PHE A 467 -0.68 5.98 14.04
CA PHE A 467 -1.86 5.21 13.76
C PHE A 467 -1.82 3.81 14.37
N ALA A 468 -0.82 3.01 14.01
CA ALA A 468 -0.83 1.61 14.42
C ALA A 468 -0.53 1.45 15.90
N SER A 469 0.37 2.26 16.45
CA SER A 469 0.79 2.08 17.83
C SER A 469 -0.32 2.41 18.82
N ILE A 470 -0.96 3.57 18.64
CA ILE A 470 -2.02 3.97 19.56
C ILE A 470 -3.26 3.12 19.36
N ALA A 471 -3.63 2.88 18.09
CA ALA A 471 -4.85 2.12 17.81
C ALA A 471 -4.74 0.69 18.28
N GLY A 472 -3.53 0.12 18.29
CA GLY A 472 -3.36 -1.21 18.86
C GLY A 472 -3.73 -1.25 20.33
N LEU A 473 -3.27 -0.25 21.08
CA LEU A 473 -3.63 -0.17 22.50
C LEU A 473 -5.12 0.08 22.68
N GLU A 474 -5.72 0.93 21.84
CA GLU A 474 -7.16 1.18 21.93
C GLU A 474 -7.95 -0.09 21.68
N PHE A 475 -7.57 -0.87 20.67
CA PHE A 475 -8.25 -2.12 20.38
C PHE A 475 -8.04 -3.13 21.51
N ALA A 476 -6.84 -3.20 22.06
CA ALA A 476 -6.58 -4.12 23.17
C ALA A 476 -7.40 -3.74 24.40
N TYR A 477 -7.64 -2.45 24.61
CA TYR A 477 -8.41 -2.00 25.76
C TYR A 477 -9.91 -2.22 25.56
N SER A 478 -10.45 -1.76 24.44
CA SER A 478 -11.89 -1.81 24.22
C SER A 478 -12.36 -3.24 23.96
N ALA A 479 -11.67 -3.97 23.10
CA ALA A 479 -12.07 -5.33 22.73
C ALA A 479 -11.45 -6.32 23.70
N ALA A 480 -11.94 -6.27 24.94
CA ALA A 480 -11.45 -7.13 26.00
C ALA A 480 -12.52 -7.23 27.08
N PRO A 481 -12.66 -8.38 27.74
CA PRO A 481 -13.65 -8.48 28.81
C PRO A 481 -13.33 -7.54 29.96
N LYS A 482 -14.38 -7.10 30.65
CA LYS A 482 -14.20 -6.17 31.76
C LYS A 482 -13.38 -6.80 32.89
N SER A 483 -13.58 -8.09 33.15
CA SER A 483 -12.86 -8.75 34.23
C SER A 483 -11.38 -8.96 33.90
N MET A 484 -11.08 -9.28 32.64
CA MET A 484 -9.72 -9.62 32.23
C MET A 484 -8.96 -8.43 31.68
N GLN A 485 -9.40 -7.21 31.95
CA GLN A 485 -8.61 -6.05 31.57
C GLN A 485 -7.29 -6.08 32.32
N SER A 486 -6.23 -5.61 31.64
CA SER A 486 -4.83 -5.65 32.06
C SER A 486 -4.25 -7.05 31.95
N ALA A 487 -5.05 -8.07 31.65
CA ALA A 487 -4.54 -9.38 31.25
C ALA A 487 -4.52 -9.55 29.75
N ILE A 488 -5.45 -8.92 29.03
CA ILE A 488 -5.38 -8.87 27.58
C ILE A 488 -4.22 -8.00 27.13
N MET A 489 -3.96 -6.91 27.85
CA MET A 489 -2.76 -6.13 27.59
C MET A 489 -1.50 -6.94 27.85
N GLY A 490 -1.54 -7.86 28.82
CA GLY A 490 -0.43 -8.76 29.02
C GLY A 490 -0.15 -9.61 27.79
N LEU A 491 -1.21 -10.15 27.20
CA LEU A 491 -1.04 -10.93 25.97
C LEU A 491 -0.56 -10.04 24.81
N PHE A 492 -1.05 -8.80 24.77
CA PHE A 492 -0.61 -7.87 23.73
C PHE A 492 0.90 -7.65 23.81
N PHE A 493 1.40 -7.33 25.01
CA PHE A 493 2.82 -7.07 25.16
C PHE A 493 3.65 -8.35 25.11
N PHE A 494 3.05 -9.51 25.35
CA PHE A 494 3.75 -10.77 25.16
C PHE A 494 3.91 -11.13 23.69
N PHE A 495 2.86 -10.91 22.90
CA PHE A 495 2.96 -11.14 21.47
C PHE A 495 3.86 -10.13 20.80
N SER A 496 3.95 -8.92 21.35
CA SER A 496 4.99 -7.99 20.90
C SER A 496 6.38 -8.57 21.08
N GLY A 497 6.66 -9.19 22.23
CA GLY A 497 7.93 -9.84 22.46
C GLY A 497 8.19 -11.02 21.56
N VAL A 498 7.13 -11.80 21.31
CA VAL A 498 7.25 -12.91 20.37
C VAL A 498 7.62 -12.40 18.98
N GLY A 499 6.97 -11.31 18.55
CA GLY A 499 7.34 -10.71 17.28
C GLY A 499 8.77 -10.20 17.26
N SER A 500 9.22 -9.59 18.36
CA SER A 500 10.61 -9.13 18.44
C SER A 500 11.57 -10.30 18.31
N PHE A 501 11.30 -11.41 18.99
CA PHE A 501 12.21 -12.55 18.94
C PHE A 501 12.21 -13.21 17.57
N VAL A 502 11.04 -13.35 16.94
CA VAL A 502 11.04 -13.93 15.60
C VAL A 502 11.70 -12.98 14.61
N GLY A 503 11.66 -11.67 14.86
CA GLY A 503 12.42 -10.75 14.04
C GLY A 503 13.92 -10.91 14.21
N SER A 504 14.37 -11.13 15.45
CA SER A 504 15.78 -11.42 15.67
C SER A 504 16.19 -12.70 14.96
N GLY A 505 15.33 -13.72 15.01
CA GLY A 505 15.60 -14.94 14.26
C GLY A 505 15.67 -14.70 12.76
N LEU A 506 14.78 -13.84 12.25
CA LEU A 506 14.80 -13.51 10.82
C LEU A 506 16.10 -12.81 10.45
N LEU A 507 16.57 -11.90 11.29
CA LEU A 507 17.87 -11.27 11.06
C LEU A 507 18.99 -12.29 11.08
N ALA A 508 18.93 -13.25 12.00
CA ALA A 508 19.92 -14.32 12.02
C ALA A 508 19.84 -15.21 10.79
N LEU A 509 18.67 -15.28 10.14
CA LEU A 509 18.49 -16.15 8.98
C LEU A 509 19.22 -15.60 7.76
N VAL A 510 19.09 -14.30 7.50
CA VAL A 510 19.63 -13.70 6.28
C VAL A 510 21.13 -13.49 6.42
N SER A 511 21.69 -13.84 7.57
CA SER A 511 23.12 -13.70 7.82
C SER A 511 23.89 -14.98 7.55
N ILE A 512 23.24 -16.04 7.07
CA ILE A 512 23.94 -17.28 6.81
C ILE A 512 24.77 -17.16 5.54
N LYS A 513 25.69 -18.11 5.36
CA LYS A 513 26.57 -18.07 4.20
C LYS A 513 25.82 -18.33 2.90
N ALA A 514 24.70 -19.06 2.97
CA ALA A 514 23.94 -19.35 1.76
C ALA A 514 23.36 -18.08 1.15
N ILE A 515 22.82 -17.18 1.99
CA ILE A 515 22.25 -15.93 1.51
C ILE A 515 23.31 -14.85 1.53
N GLY A 516 23.92 -14.63 2.69
CA GLY A 516 25.01 -13.68 2.80
C GLY A 516 24.61 -12.22 2.79
N TRP A 517 23.34 -11.91 3.02
CA TRP A 517 22.92 -10.51 3.05
C TRP A 517 23.57 -9.77 4.21
N MET A 518 23.67 -10.42 5.38
CA MET A 518 24.25 -9.83 6.57
C MET A 518 25.44 -10.65 7.06
N SER A 519 26.32 -11.03 6.13
CA SER A 519 27.47 -11.86 6.50
C SER A 519 28.47 -11.12 7.37
N SER A 520 28.39 -9.80 7.45
CA SER A 520 29.32 -9.03 8.25
C SER A 520 28.64 -7.82 8.90
N GLY A 525 31.46 -4.31 12.64
CA GLY A 525 30.39 -3.33 12.72
C GLY A 525 30.14 -2.62 11.41
N ASN A 526 30.97 -2.91 10.42
CA ASN A 526 30.86 -2.27 9.11
C ASN A 526 29.81 -2.99 8.27
N ILE A 527 28.89 -2.23 7.70
CA ILE A 527 27.84 -2.79 6.86
C ILE A 527 28.01 -2.36 5.40
N ASN A 528 29.18 -1.84 5.04
CA ASN A 528 29.44 -1.48 3.64
C ASN A 528 29.50 -2.70 2.75
N GLY A 529 29.76 -3.88 3.30
CA GLY A 529 29.71 -5.13 2.56
C GLY A 529 28.44 -5.92 2.71
N CYS A 530 27.43 -5.38 3.37
CA CYS A 530 26.17 -6.06 3.60
C CYS A 530 25.06 -5.38 2.80
N TYR A 531 24.24 -6.17 2.12
CA TYR A 531 23.15 -5.64 1.32
C TYR A 531 21.96 -5.37 2.23
N LEU A 532 21.99 -4.21 2.88
CA LEU A 532 20.88 -3.80 3.71
C LEU A 532 19.65 -3.44 2.89
N ASN A 533 19.85 -3.05 1.61
CA ASN A 533 18.71 -2.71 0.77
C ASN A 533 17.83 -3.92 0.49
N TYR A 534 18.44 -5.08 0.25
CA TYR A 534 17.65 -6.30 0.07
C TYR A 534 16.88 -6.64 1.33
N TYR A 535 17.50 -6.45 2.50
CA TYR A 535 16.80 -6.67 3.76
C TYR A 535 15.61 -5.73 3.90
N PHE A 536 15.79 -4.47 3.52
CA PHE A 536 14.69 -3.51 3.61
C PHE A 536 13.56 -3.88 2.66
N PHE A 537 13.90 -4.34 1.45
CA PHE A 537 12.87 -4.76 0.50
C PHE A 537 12.15 -6.00 0.99
N LEU A 538 12.87 -6.94 1.61
CA LEU A 538 12.22 -8.11 2.18
C LEU A 538 11.28 -7.71 3.31
N LEU A 539 11.69 -6.75 4.14
CA LEU A 539 10.80 -6.25 5.19
C LEU A 539 9.56 -5.60 4.59
N ALA A 540 9.73 -4.86 3.50
CA ALA A 540 8.58 -4.24 2.84
C ALA A 540 7.61 -5.30 2.30
N ALA A 541 8.15 -6.37 1.70
CA ALA A 541 7.30 -7.45 1.21
C ALA A 541 6.55 -8.14 2.35
N ILE A 542 7.25 -8.40 3.45
CA ILE A 542 6.61 -9.01 4.62
C ILE A 542 5.51 -8.11 5.14
N GLN A 543 5.76 -6.80 5.17
CA GLN A 543 4.75 -5.86 5.66
C GLN A 543 3.55 -5.81 4.72
N GLY A 544 3.76 -5.91 3.41
CA GLY A 544 2.64 -5.96 2.50
C GLY A 544 1.78 -7.20 2.67
N ALA A 545 2.42 -8.36 2.80
CA ALA A 545 1.68 -9.59 3.05
C ALA A 545 0.93 -9.50 4.38
N THR A 546 1.56 -8.91 5.39
CA THR A 546 0.89 -8.70 6.68
C THR A 546 -0.29 -7.76 6.53
N LEU A 547 -0.16 -6.73 5.70
CA LEU A 547 -1.27 -5.81 5.47
C LEU A 547 -2.46 -6.55 4.88
N LEU A 548 -2.22 -7.39 3.88
CA LEU A 548 -3.31 -8.13 3.26
C LEU A 548 -3.96 -9.10 4.25
N LEU A 549 -3.14 -9.86 4.97
CA LEU A 549 -3.67 -10.81 5.94
C LEU A 549 -4.45 -10.10 7.04
N PHE A 550 -3.93 -8.97 7.52
CA PHE A 550 -4.61 -8.22 8.57
C PHE A 550 -5.90 -7.61 8.08
N LEU A 551 -5.95 -7.17 6.82
CA LEU A 551 -7.20 -6.68 6.27
C LEU A 551 -8.25 -7.78 6.26
N ILE A 552 -7.86 -8.99 5.82
CA ILE A 552 -8.81 -10.10 5.81
C ILE A 552 -9.27 -10.43 7.21
N ILE A 553 -8.33 -10.48 8.17
CA ILE A 553 -8.66 -10.84 9.54
C ILE A 553 -9.57 -9.79 10.17
N SER A 554 -9.29 -8.51 9.91
CA SER A 554 -10.11 -7.43 10.45
C SER A 554 -11.52 -7.46 9.88
N VAL A 555 -11.65 -7.75 8.58
CA VAL A 555 -12.99 -7.85 7.99
C VAL A 555 -13.75 -9.02 8.60
N LYS A 556 -13.10 -10.17 8.77
CA LYS A 556 -13.78 -11.32 9.37
C LYS A 556 -14.15 -11.05 10.82
N TYR A 557 -13.30 -10.35 11.56
CA TYR A 557 -13.57 -10.06 12.97
C TYR A 557 -14.78 -9.16 13.13
N ASP A 558 -14.89 -8.13 12.29
CA ASP A 558 -16.00 -7.19 12.37
C ASP A 558 -17.28 -7.81 11.84
N ARG B 18 -27.95 -19.00 2.56
CA ARG B 18 -28.87 -17.90 2.75
C ARG B 18 -28.74 -16.92 1.61
N ARG B 19 -28.42 -15.68 1.96
CA ARG B 19 -28.21 -14.68 0.93
C ARG B 19 -27.01 -15.07 0.07
N ALA B 20 -25.98 -15.60 0.70
CA ALA B 20 -24.79 -15.97 -0.04
C ALA B 20 -25.17 -17.04 -0.98
N ALA B 21 -25.99 -17.95 -0.52
CA ALA B 21 -26.35 -19.07 -1.35
C ALA B 21 -27.06 -18.54 -2.55
N ALA B 22 -27.94 -17.60 -2.32
CA ALA B 22 -28.68 -17.01 -3.42
C ALA B 22 -27.76 -16.34 -4.44
N ALA B 23 -26.79 -15.58 -3.97
CA ALA B 23 -25.85 -14.94 -4.89
C ALA B 23 -25.01 -15.92 -5.65
N ALA B 24 -24.58 -16.99 -5.02
CA ALA B 24 -23.83 -17.98 -5.75
C ALA B 24 -24.68 -18.62 -6.80
N ALA B 25 -25.94 -18.83 -6.49
CA ALA B 25 -26.83 -19.36 -7.48
C ALA B 25 -26.95 -18.41 -8.65
N ALA B 26 -27.01 -17.11 -8.39
CA ALA B 26 -27.02 -16.12 -9.49
C ALA B 26 -25.79 -16.22 -10.30
N ALA B 27 -24.65 -16.36 -9.66
CA ALA B 27 -23.45 -16.54 -10.41
C ALA B 27 -23.72 -17.60 -11.43
N GLY B 28 -24.54 -18.60 -11.12
CA GLY B 28 -24.92 -19.55 -12.21
C GLY B 28 -25.56 -18.90 -13.48
N ALA B 29 -25.07 -17.78 -14.02
CA ALA B 29 -25.60 -16.90 -15.08
C ALA B 29 -25.27 -17.32 -16.47
N PHE B 30 -25.59 -16.46 -17.41
CA PHE B 30 -25.44 -16.80 -18.81
C PHE B 30 -26.61 -17.71 -19.00
N ALA B 31 -26.48 -19.00 -18.82
CA ALA B 31 -27.66 -19.85 -18.86
C ALA B 31 -28.44 -19.70 -20.07
N GLY B 32 -29.56 -19.04 -20.01
CA GLY B 32 -30.30 -18.98 -21.24
C GLY B 32 -29.63 -18.24 -22.36
N ARG B 33 -29.05 -17.09 -22.04
CA ARG B 33 -28.46 -16.26 -23.03
C ARG B 33 -27.04 -16.62 -23.19
N ARG B 34 -26.75 -17.52 -24.09
CA ARG B 34 -25.40 -17.90 -24.33
C ARG B 34 -25.07 -17.48 -25.71
N ALA B 35 -26.04 -17.28 -26.55
CA ALA B 35 -25.82 -16.75 -27.85
C ALA B 35 -25.70 -15.31 -27.89
N ALA B 36 -26.53 -14.64 -27.15
CA ALA B 36 -26.55 -13.21 -27.22
C ALA B 36 -25.27 -12.71 -26.74
N CYS B 37 -24.69 -13.31 -25.74
CA CYS B 37 -23.37 -12.92 -25.29
C CYS B 37 -22.22 -13.30 -26.24
N GLY B 38 -21.97 -14.53 -26.58
CA GLY B 38 -20.86 -14.90 -27.43
C GLY B 38 -20.75 -14.03 -28.67
N ALA B 39 -21.89 -13.59 -29.20
CA ALA B 39 -21.87 -12.63 -30.30
C ALA B 39 -21.19 -11.32 -29.95
N VAL B 40 -21.53 -10.73 -28.80
CA VAL B 40 -20.87 -9.50 -28.36
C VAL B 40 -19.39 -9.76 -28.08
N LEU B 41 -19.08 -10.90 -27.44
CA LEU B 41 -17.68 -11.22 -27.16
C LEU B 41 -16.87 -11.36 -28.44
N LEU B 42 -17.41 -12.06 -29.44
CA LEU B 42 -16.70 -12.21 -30.70
C LEU B 42 -16.56 -10.89 -31.43
N THR B 43 -17.61 -10.05 -31.41
CA THR B 43 -17.51 -8.74 -32.06
C THR B 43 -16.42 -7.90 -31.42
N GLU B 44 -16.36 -7.88 -30.09
CA GLU B 44 -15.33 -7.09 -29.42
C GLU B 44 -13.95 -7.67 -29.67
N LEU B 45 -13.84 -8.99 -29.73
CA LEU B 45 -12.56 -9.62 -30.05
C LEU B 45 -12.05 -9.16 -31.41
N LEU B 46 -12.92 -9.19 -32.42
CA LEU B 46 -12.51 -8.79 -33.76
C LEU B 46 -12.20 -7.30 -33.83
N GLU B 47 -13.01 -6.47 -33.16
CA GLU B 47 -12.76 -5.03 -33.16
C GLU B 47 -11.41 -4.71 -32.50
N ARG B 48 -11.10 -5.35 -31.37
CA ARG B 48 -9.82 -5.12 -30.72
C ARG B 48 -8.67 -5.64 -31.56
N ALA B 49 -8.86 -6.76 -32.26
CA ALA B 49 -7.81 -7.25 -33.16
C ALA B 49 -7.51 -6.23 -34.25
N ALA B 50 -8.55 -5.65 -34.84
CA ALA B 50 -8.32 -4.63 -35.87
C ALA B 50 -7.65 -3.39 -35.30
N PHE B 51 -8.10 -2.93 -34.13
CA PHE B 51 -7.52 -1.75 -33.52
C PHE B 51 -6.04 -1.94 -33.23
N TYR B 52 -5.68 -3.10 -32.67
CA TYR B 52 -4.27 -3.36 -32.36
C TYR B 52 -3.46 -3.62 -33.62
N GLY B 53 -4.11 -4.09 -34.69
CA GLY B 53 -3.41 -4.19 -35.95
C GLY B 53 -3.03 -2.84 -36.51
N ILE B 54 -3.93 -1.86 -36.40
CA ILE B 54 -3.59 -0.50 -36.82
C ILE B 54 -2.54 0.11 -35.91
N THR B 55 -2.74 0.03 -34.60
CA THR B 55 -1.92 0.82 -33.68
C THR B 55 -0.49 0.29 -33.59
N SER B 56 -0.30 -1.02 -33.77
CA SER B 56 1.00 -1.62 -33.47
C SER B 56 2.09 -1.09 -34.39
N ASN B 57 1.83 -1.01 -35.69
CA ASN B 57 2.86 -0.68 -36.67
C ASN B 57 2.52 0.53 -37.52
N LEU B 58 1.77 1.49 -36.97
CA LEU B 58 1.43 2.68 -37.73
C LEU B 58 2.68 3.51 -38.06
N VAL B 59 3.57 3.67 -37.07
CA VAL B 59 4.75 4.50 -37.28
C VAL B 59 5.68 3.89 -38.32
N LEU B 60 5.87 2.57 -38.27
CA LEU B 60 6.72 1.90 -39.25
C LEU B 60 6.13 2.04 -40.65
N PHE B 61 4.81 1.92 -40.78
CA PHE B 61 4.17 2.11 -42.08
C PHE B 61 4.37 3.53 -42.58
N LEU B 62 4.14 4.52 -41.71
CA LEU B 62 4.21 5.91 -42.13
C LEU B 62 5.64 6.32 -42.44
N ASN B 63 6.62 5.79 -41.69
CA ASN B 63 8.02 6.06 -41.96
C ASN B 63 8.63 4.84 -42.68
N GLY B 64 8.43 4.80 -43.98
CA GLY B 64 8.87 3.66 -44.78
C GLY B 64 8.97 4.01 -46.25
N ALA B 65 8.66 3.02 -47.09
CA ALA B 65 8.80 3.23 -48.53
C ALA B 65 7.63 4.01 -49.12
N PRO B 66 6.36 3.62 -48.94
CA PRO B 66 5.28 4.41 -49.56
C PRO B 66 5.22 5.84 -49.06
N PHE B 67 5.51 6.06 -47.77
CA PHE B 67 5.39 7.36 -47.15
C PHE B 67 6.74 7.78 -46.58
N CYS B 68 7.16 8.99 -46.87
CA CYS B 68 8.44 9.52 -46.42
C CYS B 68 8.28 10.47 -45.25
N TRP B 69 7.31 10.19 -44.38
CA TRP B 69 7.06 11.05 -43.23
C TRP B 69 8.22 10.96 -42.24
N GLU B 70 8.50 12.09 -41.60
CA GLU B 70 9.50 12.10 -40.53
C GLU B 70 8.96 11.39 -39.29
N GLY B 71 9.89 11.03 -38.40
CA GLY B 71 9.48 10.35 -37.18
C GLY B 71 8.56 11.18 -36.32
N ALA B 72 8.86 12.48 -36.20
CA ALA B 72 8.00 13.38 -35.44
C ALA B 72 6.61 13.47 -36.05
N GLN B 73 6.54 13.54 -37.38
CA GLN B 73 5.24 13.61 -38.05
C GLN B 73 4.42 12.36 -37.80
N ALA B 74 5.06 11.18 -37.90
CA ALA B 74 4.34 9.93 -37.66
C ALA B 74 3.89 9.82 -36.20
N SER B 75 4.75 10.24 -35.27
CA SER B 75 4.36 10.21 -33.86
C SER B 75 3.19 11.15 -33.59
N GLU B 76 3.20 12.34 -34.18
CA GLU B 76 2.07 13.26 -34.02
C GLU B 76 0.81 12.70 -34.64
N ALA B 77 0.93 12.05 -35.79
CA ALA B 77 -0.24 11.45 -36.43
C ALA B 77 -0.84 10.36 -35.55
N LEU B 78 0.00 9.49 -34.99
CA LEU B 78 -0.51 8.45 -34.09
C LEU B 78 -1.11 9.05 -32.83
N LEU B 79 -0.49 10.11 -32.30
CA LEU B 79 -1.02 10.76 -31.11
C LEU B 79 -2.39 11.36 -31.39
N LEU B 80 -2.56 12.01 -32.54
CA LEU B 80 -3.86 12.56 -32.91
C LEU B 80 -4.89 11.46 -33.10
N PHE B 81 -4.49 10.35 -33.72
CA PHE B 81 -5.41 9.23 -33.91
C PHE B 81 -5.88 8.68 -32.57
N MET B 82 -4.95 8.50 -31.62
CA MET B 82 -5.35 8.01 -30.31
C MET B 82 -6.21 9.01 -29.56
N GLY B 83 -5.87 10.30 -29.68
CA GLY B 83 -6.66 11.32 -29.00
C GLY B 83 -8.07 11.41 -29.53
N LEU B 84 -8.25 11.17 -30.83
CA LEU B 84 -9.59 11.19 -31.41
C LEU B 84 -10.46 10.09 -30.84
N THR B 85 -9.89 8.89 -30.62
CA THR B 85 -10.63 7.78 -30.07
C THR B 85 -11.11 8.03 -28.64
N TYR B 86 -10.48 8.95 -27.92
CA TYR B 86 -10.92 9.34 -26.59
C TYR B 86 -11.86 10.53 -26.63
N LEU B 87 -11.63 11.47 -27.54
CA LEU B 87 -12.46 12.66 -27.61
C LEU B 87 -13.84 12.35 -28.18
N GLY B 88 -13.92 11.38 -29.10
CA GLY B 88 -15.19 11.07 -29.72
C GLY B 88 -16.11 10.21 -28.86
N SER B 89 -15.60 9.69 -27.75
CA SER B 89 -16.42 8.81 -26.93
C SER B 89 -17.64 9.50 -26.32
N PRO B 90 -17.54 10.67 -25.68
CA PRO B 90 -18.76 11.29 -25.13
C PRO B 90 -19.79 11.62 -26.19
N PHE B 91 -19.35 12.04 -27.38
CA PHE B 91 -20.30 12.35 -28.45
C PHE B 91 -20.84 11.09 -29.10
N GLY B 92 -20.03 10.04 -29.18
CA GLY B 92 -20.54 8.78 -29.68
C GLY B 92 -21.58 8.17 -28.77
N GLY B 93 -21.40 8.30 -27.46
CA GLY B 93 -22.40 7.81 -26.53
C GLY B 93 -23.70 8.58 -26.59
N TRP B 94 -23.60 9.91 -26.70
CA TRP B 94 -24.80 10.73 -26.80
C TRP B 94 -25.59 10.42 -28.07
N LEU B 95 -24.89 10.19 -29.18
CA LEU B 95 -25.56 9.83 -30.42
C LEU B 95 -26.28 8.50 -30.29
N ALA B 96 -25.73 7.59 -29.48
CA ALA B 96 -26.31 6.25 -29.34
C ALA B 96 -27.49 6.26 -28.37
N ASP B 97 -27.71 7.37 -27.68
CA ASP B 97 -28.79 7.41 -26.69
C ASP B 97 -29.91 8.33 -27.14
N ALA B 98 -29.57 9.48 -27.73
CA ALA B 98 -30.58 10.47 -28.06
C ALA B 98 -31.22 10.20 -29.41
N ARG B 99 -30.42 10.04 -30.46
CA ARG B 99 -30.91 9.95 -31.83
C ARG B 99 -31.10 8.51 -32.31
N LEU B 100 -30.26 7.59 -31.87
CA LEU B 100 -30.34 6.21 -32.33
C LEU B 100 -30.40 5.25 -31.15
N GLY B 101 -30.55 3.95 -31.44
CA GLY B 101 -30.38 2.92 -30.43
C GLY B 101 -28.94 2.46 -30.41
N ARG B 102 -28.61 1.65 -29.39
CA ARG B 102 -27.25 1.14 -29.28
C ARG B 102 -26.91 0.25 -30.47
N ALA B 103 -27.83 -0.63 -30.87
CA ALA B 103 -27.55 -1.54 -31.97
C ALA B 103 -27.30 -0.78 -33.27
N ARG B 104 -28.19 0.15 -33.62
CA ARG B 104 -28.02 0.90 -34.86
C ARG B 104 -26.77 1.77 -34.82
N ALA B 105 -26.50 2.40 -33.67
CA ALA B 105 -25.31 3.22 -33.55
C ALA B 105 -24.04 2.40 -33.72
N ILE B 106 -23.99 1.21 -33.12
CA ILE B 106 -22.81 0.37 -33.26
C ILE B 106 -22.69 -0.12 -34.70
N LEU B 107 -23.81 -0.42 -35.36
CA LEU B 107 -23.74 -0.83 -36.75
C LEU B 107 -23.20 0.28 -37.64
N LEU B 108 -23.67 1.51 -37.45
CA LEU B 108 -23.15 2.63 -38.22
C LEU B 108 -21.68 2.88 -37.93
N SER B 109 -21.29 2.78 -36.66
CA SER B 109 -19.89 2.96 -36.30
C SER B 109 -19.02 1.89 -36.93
N LEU B 110 -19.49 0.64 -36.95
CA LEU B 110 -18.71 -0.43 -37.57
C LEU B 110 -18.61 -0.23 -39.07
N ALA B 111 -19.67 0.25 -39.71
CA ALA B 111 -19.60 0.56 -41.13
C ALA B 111 -18.56 1.64 -41.41
N LEU B 112 -18.57 2.71 -40.60
CA LEU B 112 -17.58 3.77 -40.77
C LEU B 112 -16.17 3.26 -40.49
N TYR B 113 -16.04 2.38 -39.50
CA TYR B 113 -14.74 1.81 -39.16
C TYR B 113 -14.21 0.96 -40.31
N LEU B 114 -15.07 0.18 -40.95
CA LEU B 114 -14.65 -0.59 -42.12
C LEU B 114 -14.29 0.32 -43.28
N LEU B 115 -15.04 1.41 -43.46
CA LEU B 115 -14.72 2.35 -44.53
C LEU B 115 -13.34 2.97 -44.32
N GLY B 116 -13.04 3.38 -43.08
CA GLY B 116 -11.70 3.86 -42.79
C GLY B 116 -10.64 2.78 -42.90
N MET B 117 -11.02 1.53 -42.57
CA MET B 117 -10.14 0.39 -42.70
C MET B 117 -9.69 0.17 -44.14
N LEU B 118 -10.61 0.33 -45.09
CA LEU B 118 -10.31 -0.01 -46.48
C LEU B 118 -9.22 0.87 -47.09
N ALA B 119 -8.88 1.99 -46.44
CA ALA B 119 -7.91 2.92 -47.02
C ALA B 119 -6.49 2.36 -46.97
N PHE B 120 -6.07 1.81 -45.82
CA PHE B 120 -4.69 1.41 -45.61
C PHE B 120 -4.22 0.29 -46.53
N PRO B 121 -4.98 -0.81 -46.73
CA PRO B 121 -4.52 -1.81 -47.71
C PRO B 121 -4.32 -1.25 -49.10
N LEU B 122 -5.19 -0.33 -49.54
CA LEU B 122 -5.05 0.25 -50.87
C LEU B 122 -3.77 1.07 -50.98
N LEU B 123 -3.44 1.84 -49.96
CA LEU B 123 -2.18 2.59 -49.96
C LEU B 123 -0.99 1.64 -49.93
N ALA B 124 -1.09 0.55 -49.16
CA ALA B 124 0.01 -0.41 -49.09
C ALA B 124 0.23 -1.08 -50.43
N ALA B 125 -0.85 -1.41 -51.15
CA ALA B 125 -0.72 -2.03 -52.45
C ALA B 125 -0.06 -1.08 -53.43
N PRO B 126 0.95 -1.51 -54.18
CA PRO B 126 1.62 -0.58 -55.10
C PRO B 126 0.77 -0.18 -56.28
N ALA B 127 -0.12 -1.06 -56.74
CA ALA B 127 -0.93 -0.74 -57.92
C ALA B 127 -1.99 0.31 -57.61
N THR B 128 -2.67 0.18 -56.47
CA THR B 128 -3.78 1.05 -56.12
C THR B 128 -3.36 2.33 -55.40
N ARG B 129 -2.06 2.49 -55.09
CA ARG B 129 -1.61 3.70 -54.42
C ARG B 129 -1.70 4.91 -55.35
N ALA B 130 -1.47 4.70 -56.64
CA ALA B 130 -1.52 5.81 -57.58
C ALA B 130 -2.93 6.35 -57.73
N ALA B 131 -3.94 5.47 -57.63
CA ALA B 131 -5.32 5.91 -57.75
C ALA B 131 -5.70 6.87 -56.62
N LEU B 132 -5.23 6.58 -55.41
CA LEU B 132 -5.60 7.41 -54.26
C LEU B 132 -4.72 8.65 -54.18
N CYS B 133 -3.39 8.47 -54.15
CA CYS B 133 -2.51 9.61 -53.94
C CYS B 133 -1.32 9.64 -54.89
N GLY B 134 -1.45 9.14 -56.12
CA GLY B 134 -0.33 9.20 -57.05
C GLY B 134 0.07 10.61 -57.40
N SER B 135 -0.91 11.48 -57.64
CA SER B 135 -0.65 12.87 -57.98
C SER B 135 -1.85 13.76 -57.66
N ALA B 150 6.04 17.92 -48.41
CA ALA B 150 6.20 17.30 -47.10
C ALA B 150 5.54 15.93 -47.06
N ARG B 151 4.30 15.88 -46.57
CA ARG B 151 3.57 14.63 -46.49
C ARG B 151 3.17 14.17 -47.90
N CYS B 152 3.46 12.91 -48.21
CA CYS B 152 3.21 12.42 -49.56
C CYS B 152 1.72 12.26 -49.85
N CYS B 153 0.99 11.64 -48.93
CA CYS B 153 -0.43 11.32 -49.12
C CYS B 153 -1.23 11.71 -47.89
N SER B 154 -1.04 12.93 -47.40
CA SER B 154 -1.72 13.36 -46.19
C SER B 154 -3.25 13.29 -46.25
N PRO B 155 -3.93 13.70 -47.33
CA PRO B 155 -5.41 13.71 -47.28
C PRO B 155 -6.03 12.35 -47.05
N ALA B 156 -5.64 11.34 -47.85
CA ALA B 156 -6.24 10.02 -47.72
C ALA B 156 -5.92 9.39 -46.37
N THR B 157 -4.66 9.51 -45.93
CA THR B 157 -4.29 8.92 -44.65
C THR B 157 -5.02 9.60 -43.49
N PHE B 158 -5.14 10.93 -43.53
CA PHE B 158 -5.86 11.64 -42.48
C PHE B 158 -7.34 11.28 -42.48
N ALA B 159 -7.96 11.18 -43.65
CA ALA B 159 -9.36 10.78 -43.71
C ALA B 159 -9.56 9.37 -43.16
N GLY B 160 -8.68 8.45 -43.52
CA GLY B 160 -8.79 7.10 -43.00
C GLY B 160 -8.62 7.05 -41.49
N LEU B 161 -7.63 7.79 -40.97
CA LEU B 161 -7.41 7.80 -39.53
C LEU B 161 -8.59 8.44 -38.79
N VAL B 162 -9.16 9.51 -39.35
CA VAL B 162 -10.31 10.15 -38.72
C VAL B 162 -11.49 9.19 -38.68
N LEU B 163 -11.77 8.51 -39.79
CA LEU B 163 -12.87 7.57 -39.82
C LEU B 163 -12.66 6.42 -38.83
N VAL B 164 -11.43 5.88 -38.79
CA VAL B 164 -11.12 4.79 -37.87
C VAL B 164 -11.27 5.25 -36.43
N GLY B 165 -10.80 6.45 -36.12
CA GLY B 165 -10.91 6.96 -34.76
C GLY B 165 -12.35 7.17 -34.33
N LEU B 166 -13.16 7.75 -35.21
CA LEU B 166 -14.57 7.93 -34.87
C LEU B 166 -15.26 6.59 -34.69
N GLY B 167 -14.98 5.62 -35.56
CA GLY B 167 -15.58 4.30 -35.41
C GLY B 167 -15.19 3.63 -34.11
N VAL B 168 -13.89 3.69 -33.76
CA VAL B 168 -13.43 3.08 -32.52
C VAL B 168 -14.06 3.77 -31.32
N ALA B 169 -14.12 5.10 -31.32
CA ALA B 169 -14.70 5.83 -30.21
C ALA B 169 -16.17 5.50 -30.04
N THR B 170 -16.91 5.38 -31.13
CA THR B 170 -18.33 5.08 -31.02
C THR B 170 -18.57 3.63 -30.61
N VAL B 171 -17.72 2.71 -31.07
CA VAL B 171 -17.87 1.31 -30.68
C VAL B 171 -17.58 1.13 -29.20
N LYS B 172 -16.48 1.69 -28.72
CA LYS B 172 -16.06 1.45 -27.34
C LYS B 172 -17.09 1.98 -26.35
N ALA B 173 -17.66 3.15 -26.62
CA ALA B 173 -18.59 3.75 -25.68
C ALA B 173 -19.95 3.05 -25.69
N ASN B 174 -20.18 2.17 -26.66
CA ASN B 174 -21.51 1.57 -26.83
C ASN B 174 -21.50 0.05 -26.72
N ILE B 175 -20.39 -0.62 -27.03
CA ILE B 175 -20.38 -2.08 -26.96
C ILE B 175 -20.43 -2.56 -25.51
N THR B 176 -19.75 -1.85 -24.61
CA THR B 176 -19.72 -2.30 -23.21
C THR B 176 -21.08 -2.27 -22.52
N PRO B 177 -21.93 -1.24 -22.67
CA PRO B 177 -23.25 -1.34 -22.03
C PRO B 177 -24.20 -2.22 -22.80
N PHE B 178 -24.04 -2.32 -24.12
CA PHE B 178 -24.88 -3.19 -24.91
C PHE B 178 -24.68 -4.66 -24.54
N GLY B 179 -23.42 -5.06 -24.31
CA GLY B 179 -23.16 -6.43 -23.94
C GLY B 179 -23.73 -6.79 -22.58
N ALA B 180 -23.61 -5.89 -21.61
CA ALA B 180 -24.14 -6.15 -20.28
C ALA B 180 -25.65 -6.03 -20.21
N ASP B 181 -26.28 -5.52 -21.26
CA ASP B 181 -27.74 -5.42 -21.27
C ASP B 181 -28.40 -6.79 -21.28
N GLN B 182 -27.80 -7.77 -21.97
CA GLN B 182 -28.39 -9.10 -22.03
C GLN B 182 -28.39 -9.76 -20.66
N VAL B 183 -27.31 -9.60 -19.89
CA VAL B 183 -27.20 -10.28 -18.60
C VAL B 183 -27.64 -9.42 -17.43
N LYS B 184 -28.13 -8.20 -17.68
CA LYS B 184 -28.58 -7.35 -16.59
C LYS B 184 -29.81 -7.91 -15.87
N ASP B 185 -30.65 -8.71 -16.46
CA ASP B 185 -31.79 -9.16 -15.67
C ASP B 185 -31.38 -10.03 -14.52
N ARG B 186 -30.42 -10.93 -14.67
CA ARG B 186 -30.14 -11.79 -13.58
C ARG B 186 -29.37 -11.18 -12.49
N GLY B 187 -29.75 -10.03 -12.05
CA GLY B 187 -29.17 -9.32 -10.93
C GLY B 187 -27.84 -8.69 -11.25
N PRO B 188 -27.03 -8.33 -10.20
CA PRO B 188 -25.70 -7.75 -10.40
C PRO B 188 -24.50 -8.62 -10.25
N GLU B 189 -24.62 -9.89 -10.51
CA GLU B 189 -23.52 -10.76 -10.47
C GLU B 189 -23.47 -11.33 -11.79
N ALA B 190 -24.53 -11.32 -12.56
CA ALA B 190 -24.28 -11.74 -13.93
C ALA B 190 -23.52 -10.70 -14.74
N THR B 191 -23.78 -9.40 -14.53
CA THR B 191 -23.04 -8.35 -15.20
C THR B 191 -21.60 -8.28 -14.73
N ARG B 192 -21.30 -8.80 -13.55
CA ARG B 192 -19.92 -8.92 -13.09
C ARG B 192 -19.19 -10.09 -13.74
N ARG B 193 -19.88 -11.20 -13.99
CA ARG B 193 -19.25 -12.30 -14.72
C ARG B 193 -19.08 -11.97 -16.19
N PHE B 194 -20.03 -11.22 -16.78
CA PHE B 194 -19.90 -10.86 -18.17
C PHE B 194 -18.70 -9.94 -18.41
N PHE B 195 -18.48 -8.99 -17.51
CA PHE B 195 -17.37 -8.06 -17.67
C PHE B 195 -16.01 -8.72 -17.48
N ASN B 196 -15.98 -9.96 -16.96
CA ASN B 196 -14.75 -10.74 -16.93
C ASN B 196 -14.41 -11.35 -18.28
N TRP B 197 -15.35 -12.03 -18.92
CA TRP B 197 -15.14 -12.63 -20.23
C TRP B 197 -15.13 -11.59 -21.34
N PHE B 198 -15.62 -10.39 -21.08
CA PHE B 198 -15.43 -9.28 -21.99
C PHE B 198 -13.99 -8.80 -22.03
N TYR B 199 -13.40 -8.56 -20.85
CA TYR B 199 -11.98 -8.22 -20.78
C TYR B 199 -11.11 -9.36 -21.29
N TRP B 200 -11.49 -10.61 -21.00
CA TRP B 200 -10.75 -11.75 -21.51
C TRP B 200 -10.77 -11.78 -23.04
N SER B 201 -11.92 -11.50 -23.65
CA SER B 201 -11.99 -11.47 -25.10
C SER B 201 -11.18 -10.30 -25.67
N ILE B 202 -11.20 -9.16 -25.00
CA ILE B 202 -10.38 -8.03 -25.42
C ILE B 202 -8.90 -8.42 -25.45
N ASN B 203 -8.45 -9.07 -24.38
CA ASN B 203 -7.04 -9.45 -24.30
C ASN B 203 -6.69 -10.56 -25.27
N LEU B 204 -7.62 -11.48 -25.53
CA LEU B 204 -7.37 -12.51 -26.55
C LEU B 204 -7.24 -11.88 -27.93
N GLY B 205 -8.10 -10.90 -28.24
CA GLY B 205 -7.95 -10.18 -29.49
C GLY B 205 -6.64 -9.43 -29.59
N ALA B 206 -6.20 -8.85 -28.47
CA ALA B 206 -4.90 -8.17 -28.44
C ALA B 206 -3.77 -9.15 -28.72
N ILE B 207 -3.83 -10.34 -28.11
CA ILE B 207 -2.80 -11.35 -28.37
C ILE B 207 -2.81 -11.78 -29.83
N LEU B 208 -4.00 -12.01 -30.40
CA LEU B 208 -4.08 -12.42 -31.79
C LEU B 208 -3.54 -11.36 -32.72
N SER B 209 -3.85 -10.09 -32.45
CA SER B 209 -3.41 -9.01 -33.34
C SER B 209 -1.92 -8.74 -33.21
N LEU B 210 -1.41 -8.65 -31.99
CA LEU B 210 -0.01 -8.32 -31.77
C LEU B 210 0.92 -9.50 -32.03
N GLY B 211 0.39 -10.73 -32.03
CA GLY B 211 1.22 -11.88 -32.29
C GLY B 211 1.27 -12.27 -33.75
N GLY B 212 0.10 -12.45 -34.36
CA GLY B 212 0.04 -12.87 -35.74
C GLY B 212 0.10 -11.72 -36.73
N ILE B 213 -0.83 -10.76 -36.59
CA ILE B 213 -0.92 -9.67 -37.55
C ILE B 213 0.31 -8.79 -37.49
N ALA B 214 0.79 -8.46 -36.29
CA ALA B 214 1.97 -7.62 -36.17
C ALA B 214 3.21 -8.32 -36.71
N TYR B 215 3.23 -9.65 -36.69
CA TYR B 215 4.34 -10.40 -37.29
C TYR B 215 4.31 -10.28 -38.80
N ILE B 216 3.13 -10.46 -39.41
CA ILE B 216 3.00 -10.42 -40.86
C ILE B 216 3.27 -9.00 -41.37
N GLN B 217 2.81 -7.99 -40.64
CA GLN B 217 2.97 -6.61 -41.09
C GLN B 217 4.43 -6.23 -41.26
N GLN B 218 5.32 -6.84 -40.49
CA GLN B 218 6.74 -6.49 -40.51
C GLN B 218 7.61 -7.50 -41.25
N ASN B 219 7.18 -8.76 -41.33
CA ASN B 219 8.02 -9.79 -41.93
C ASN B 219 7.58 -10.16 -43.35
N VAL B 220 6.29 -10.38 -43.58
CA VAL B 220 5.83 -10.88 -44.86
C VAL B 220 5.58 -9.72 -45.83
N SER B 221 4.61 -8.87 -45.50
CA SER B 221 4.25 -7.74 -46.36
C SER B 221 3.20 -6.91 -45.65
N PHE B 222 3.15 -5.62 -45.98
CA PHE B 222 2.16 -4.74 -45.39
C PHE B 222 0.78 -4.93 -46.00
N VAL B 223 0.71 -5.34 -47.26
CA VAL B 223 -0.59 -5.56 -47.91
C VAL B 223 -1.33 -6.69 -47.20
N THR B 224 -0.65 -7.83 -47.02
CA THR B 224 -1.28 -8.96 -46.33
C THR B 224 -1.47 -8.65 -44.85
N GLY B 225 -0.57 -7.88 -44.25
CA GLY B 225 -0.70 -7.54 -42.85
C GLY B 225 -1.81 -6.56 -42.56
N TYR B 226 -2.26 -5.80 -43.56
CA TYR B 226 -3.39 -4.90 -43.38
C TYR B 226 -4.68 -5.43 -43.97
N ALA B 227 -4.61 -6.45 -44.82
CA ALA B 227 -5.85 -7.08 -45.29
C ALA B 227 -6.54 -7.86 -44.18
N ILE B 228 -5.76 -8.49 -43.29
CA ILE B 228 -6.36 -9.30 -42.23
C ILE B 228 -7.24 -8.49 -41.28
N PRO B 229 -6.79 -7.35 -40.73
CA PRO B 229 -7.69 -6.59 -39.85
C PRO B 229 -8.94 -6.08 -40.56
N THR B 230 -8.85 -5.76 -41.85
CA THR B 230 -10.04 -5.39 -42.59
C THR B 230 -11.03 -6.54 -42.66
N VAL B 231 -10.53 -7.76 -42.87
CA VAL B 231 -11.40 -8.94 -42.84
C VAL B 231 -11.99 -9.13 -41.45
N CYS B 232 -11.21 -8.82 -40.41
CA CYS B 232 -11.74 -8.91 -39.06
C CYS B 232 -12.89 -7.94 -38.84
N VAL B 233 -12.74 -6.70 -39.32
CA VAL B 233 -13.84 -5.74 -39.22
C VAL B 233 -15.04 -6.21 -40.01
N GLY B 234 -14.81 -6.76 -41.21
CA GLY B 234 -15.92 -7.28 -41.99
C GLY B 234 -16.67 -8.40 -41.29
N LEU B 235 -15.93 -9.32 -40.68
CA LEU B 235 -16.56 -10.41 -39.94
C LEU B 235 -17.31 -9.88 -38.71
N ALA B 236 -16.74 -8.90 -38.01
CA ALA B 236 -17.41 -8.32 -36.86
C ALA B 236 -18.73 -7.66 -37.22
N PHE B 237 -18.84 -7.14 -38.46
CA PHE B 237 -20.10 -6.56 -38.90
C PHE B 237 -21.15 -7.62 -39.18
N VAL B 238 -20.72 -8.77 -39.71
CA VAL B 238 -21.66 -9.85 -40.02
C VAL B 238 -22.24 -10.45 -38.74
N VAL B 239 -21.46 -10.49 -37.67
CA VAL B 239 -21.91 -11.13 -36.43
C VAL B 239 -23.15 -10.43 -35.89
N PHE B 240 -23.16 -9.10 -35.88
CA PHE B 240 -24.32 -8.37 -35.38
C PHE B 240 -25.54 -8.56 -36.27
N LEU B 241 -25.35 -8.56 -37.60
CA LEU B 241 -26.47 -8.82 -38.49
C LEU B 241 -27.05 -10.21 -38.26
N CYS B 242 -26.20 -11.19 -37.97
CA CYS B 242 -26.69 -12.53 -37.68
C CYS B 242 -27.33 -12.61 -36.30
N GLY B 243 -26.92 -11.76 -35.37
CA GLY B 243 -27.41 -11.82 -34.01
C GLY B 243 -28.45 -10.79 -33.66
N GLN B 244 -29.04 -10.15 -34.67
CA GLN B 244 -30.09 -9.16 -34.41
C GLN B 244 -31.36 -9.80 -33.85
N SER B 245 -31.52 -11.10 -34.00
CA SER B 245 -32.73 -11.79 -33.56
C SER B 245 -32.65 -12.26 -32.11
N VAL B 246 -31.51 -12.11 -31.45
CA VAL B 246 -31.32 -12.60 -30.08
C VAL B 246 -30.85 -11.51 -29.13
N PHE B 247 -30.69 -10.28 -29.59
CA PHE B 247 -30.19 -9.20 -28.75
C PHE B 247 -31.35 -8.49 -28.04
N ILE B 248 -31.00 -7.77 -26.97
CA ILE B 248 -31.95 -6.99 -26.18
C ILE B 248 -31.71 -5.53 -26.49
N THR B 249 -32.74 -4.84 -26.97
CA THR B 249 -32.63 -3.46 -27.41
C THR B 249 -33.47 -2.55 -26.53
N LYS B 250 -33.15 -1.26 -26.56
CA LYS B 250 -33.86 -0.25 -25.81
C LYS B 250 -34.21 0.91 -26.72
N PRO B 251 -35.46 1.39 -26.68
CA PRO B 251 -35.85 2.51 -27.53
C PRO B 251 -35.05 3.76 -27.18
N PRO B 252 -34.69 4.57 -28.18
CA PRO B 252 -33.98 5.81 -27.88
C PRO B 252 -34.85 6.79 -27.12
N ASP B 253 -34.19 7.64 -26.31
CA ASP B 253 -34.90 8.65 -25.52
C ASP B 253 -33.99 9.87 -25.41
N GLY B 254 -34.19 10.83 -26.31
CA GLY B 254 -33.47 12.09 -26.26
C GLY B 254 -34.14 13.16 -25.42
N SER B 255 -35.40 12.94 -25.04
CA SER B 255 -36.10 13.91 -24.20
C SER B 255 -35.40 14.06 -22.86
N ALA B 256 -34.89 12.96 -22.31
CA ALA B 256 -34.13 13.04 -21.05
C ALA B 256 -32.87 13.88 -21.22
N PHE B 257 -32.14 13.67 -22.31
CA PHE B 257 -30.93 14.46 -22.54
C PHE B 257 -31.27 15.93 -22.68
N THR B 258 -32.35 16.26 -23.38
CA THR B 258 -32.78 17.65 -23.48
C THR B 258 -33.15 18.22 -22.12
N ASP B 259 -33.86 17.42 -21.30
CA ASP B 259 -34.29 17.91 -20.00
C ASP B 259 -33.11 18.19 -19.08
N MET B 260 -32.11 17.32 -19.08
CA MET B 260 -30.95 17.50 -18.20
C MET B 260 -29.79 18.23 -18.84
N PHE B 261 -29.95 18.73 -20.07
CA PHE B 261 -28.93 19.62 -20.64
C PHE B 261 -29.44 21.03 -20.86
N LYS B 262 -30.57 21.19 -21.55
CA LYS B 262 -31.03 22.52 -21.93
C LYS B 262 -31.46 23.35 -20.73
N ILE B 263 -32.29 22.77 -19.85
CA ILE B 263 -32.82 23.51 -18.71
C ILE B 263 -32.10 23.13 -17.42
N LEU B 264 -30.88 22.60 -17.52
CA LEU B 264 -30.09 22.34 -16.31
C LEU B 264 -29.68 23.65 -15.64
N THR B 265 -29.38 24.69 -16.42
CA THR B 265 -28.98 25.97 -15.86
C THR B 265 -30.11 26.65 -15.10
N TYR B 266 -31.36 26.24 -15.33
CA TYR B 266 -32.48 26.81 -14.60
C TYR B 266 -32.38 26.51 -13.11
N SER B 267 -31.94 25.31 -12.76
CA SER B 267 -31.76 24.92 -11.37
C SER B 267 -30.60 25.70 -10.73
N MET B 301 -28.72 22.12 -8.23
CA MET B 301 -28.46 20.78 -8.76
C MET B 301 -29.32 19.75 -8.04
N SER B 302 -30.26 20.21 -7.23
CA SER B 302 -31.14 19.33 -6.47
C SER B 302 -32.37 20.15 -6.04
N HIS B 303 -33.17 19.57 -5.15
CA HIS B 303 -34.35 20.22 -4.59
C HIS B 303 -35.32 20.66 -5.69
N GLY B 304 -35.61 19.75 -6.62
CA GLY B 304 -36.55 20.06 -7.69
C GLY B 304 -37.95 20.29 -7.18
N GLY B 305 -38.35 19.55 -6.13
CA GLY B 305 -39.67 19.68 -5.56
C GLY B 305 -40.76 19.25 -6.50
N PRO B 306 -41.87 19.99 -6.52
CA PRO B 306 -42.96 19.67 -7.45
C PRO B 306 -42.54 19.68 -8.91
N PHE B 307 -41.62 20.55 -9.28
CA PHE B 307 -41.11 20.57 -10.65
C PHE B 307 -40.29 19.32 -10.90
N THR B 308 -40.51 18.68 -12.06
CA THR B 308 -39.84 17.45 -12.49
C THR B 308 -40.26 16.28 -11.61
N GLU B 309 -40.22 15.07 -12.17
CA GLU B 309 -40.77 13.88 -11.52
C GLU B 309 -39.70 13.03 -10.82
N GLU B 310 -38.69 12.53 -11.54
CA GLU B 310 -37.55 11.91 -10.88
C GLU B 310 -36.23 12.20 -11.58
N LYS B 311 -36.20 13.13 -12.54
CA LYS B 311 -34.96 13.45 -13.23
C LYS B 311 -33.96 14.14 -12.31
N VAL B 312 -34.44 14.76 -11.23
CA VAL B 312 -33.52 15.30 -10.24
C VAL B 312 -32.66 14.20 -9.63
N GLU B 313 -33.21 12.99 -9.52
CA GLU B 313 -32.44 11.86 -9.01
C GLU B 313 -31.25 11.55 -9.92
N ASP B 314 -31.47 11.53 -11.23
CA ASP B 314 -30.35 11.24 -12.13
C ASP B 314 -29.39 12.42 -12.24
N VAL B 315 -29.87 13.65 -12.06
CA VAL B 315 -28.96 14.78 -11.94
C VAL B 315 -28.04 14.60 -10.74
N LYS B 316 -28.63 14.18 -9.60
CA LYS B 316 -27.84 13.89 -8.42
C LYS B 316 -26.82 12.79 -8.70
N ALA B 317 -27.24 11.75 -9.41
CA ALA B 317 -26.32 10.66 -9.74
C ALA B 317 -25.17 11.16 -10.59
N LEU B 318 -25.46 12.01 -11.58
CA LEU B 318 -24.40 12.56 -12.42
C LEU B 318 -23.41 13.37 -11.60
N VAL B 319 -23.91 14.33 -10.82
CA VAL B 319 -23.02 15.19 -10.05
C VAL B 319 -22.33 14.47 -8.91
N LYS B 320 -22.81 13.27 -8.56
CA LYS B 320 -22.18 12.46 -7.52
C LYS B 320 -21.15 11.49 -8.07
N ILE B 321 -21.30 11.05 -9.33
CA ILE B 321 -20.31 10.17 -9.93
C ILE B 321 -19.22 10.92 -10.70
N VAL B 322 -19.43 12.20 -11.02
CA VAL B 322 -18.36 12.99 -11.64
C VAL B 322 -17.09 13.04 -10.78
N PRO B 323 -17.16 13.31 -9.47
CA PRO B 323 -15.91 13.35 -8.68
C PRO B 323 -15.14 12.05 -8.69
N VAL B 324 -15.83 10.90 -8.71
CA VAL B 324 -15.12 9.62 -8.74
C VAL B 324 -14.32 9.47 -10.03
N PHE B 325 -14.92 9.86 -11.16
CA PHE B 325 -14.20 9.83 -12.43
C PHE B 325 -13.04 10.81 -12.41
N LEU B 326 -13.23 11.99 -11.81
CA LEU B 326 -12.15 12.98 -11.74
C LEU B 326 -10.98 12.46 -10.93
N ALA B 327 -11.25 11.76 -9.82
CA ALA B 327 -10.19 11.25 -8.97
C ALA B 327 -9.43 10.09 -9.60
N LEU B 328 -9.90 9.55 -10.72
CA LEU B 328 -9.24 8.43 -11.38
C LEU B 328 -8.26 8.86 -12.46
N ILE B 329 -8.11 10.17 -12.70
CA ILE B 329 -7.16 10.63 -13.72
C ILE B 329 -5.72 10.21 -13.39
N PRO B 330 -5.21 10.38 -12.17
CA PRO B 330 -3.86 9.90 -11.89
C PRO B 330 -3.68 8.41 -12.06
N TYR B 331 -4.73 7.60 -11.88
CA TYR B 331 -4.61 6.17 -12.13
C TYR B 331 -4.24 5.90 -13.58
N TRP B 332 -4.98 6.48 -14.52
CA TRP B 332 -4.65 6.32 -15.93
C TRP B 332 -3.31 6.96 -16.27
N THR B 333 -3.01 8.10 -15.64
CA THR B 333 -1.71 8.74 -15.82
C THR B 333 -0.57 7.77 -15.55
N VAL B 334 -0.62 7.08 -14.42
CA VAL B 334 0.40 6.09 -14.09
C VAL B 334 0.30 4.84 -14.98
N TYR B 335 -0.92 4.40 -15.30
CA TYR B 335 -1.09 3.14 -16.02
C TYR B 335 -0.53 3.21 -17.44
N PHE B 336 -0.79 4.31 -18.15
CA PHE B 336 -0.26 4.42 -19.51
C PHE B 336 1.26 4.63 -19.52
N GLN B 337 1.78 5.39 -18.56
CA GLN B 337 3.23 5.53 -18.44
C GLN B 337 3.90 4.20 -18.13
N MET B 338 3.27 3.35 -17.32
CA MET B 338 3.76 1.98 -17.14
C MET B 338 3.67 1.17 -18.42
N GLN B 339 2.60 1.32 -19.20
CA GLN B 339 2.56 0.67 -20.51
C GLN B 339 3.77 1.02 -21.36
N THR B 340 4.14 2.31 -21.36
CA THR B 340 5.22 2.75 -22.25
C THR B 340 6.61 2.39 -21.71
N THR B 341 6.90 2.75 -20.46
CA THR B 341 8.25 2.59 -19.94
C THR B 341 8.59 1.12 -19.67
N TYR B 342 7.59 0.28 -19.43
CA TYR B 342 7.89 -1.14 -19.28
C TYR B 342 8.44 -1.73 -20.57
N VAL B 343 7.86 -1.35 -21.71
CA VAL B 343 8.39 -1.78 -22.99
C VAL B 343 9.75 -1.14 -23.25
N LEU B 344 9.92 0.12 -22.85
CA LEU B 344 11.22 0.76 -22.98
C LEU B 344 12.30 -0.02 -22.22
N GLN B 345 11.98 -0.49 -21.03
CA GLN B 345 12.93 -1.28 -20.25
C GLN B 345 13.14 -2.66 -20.86
N SER B 346 12.07 -3.26 -21.40
CA SER B 346 12.17 -4.58 -22.00
C SER B 346 13.08 -4.56 -23.23
N LEU B 347 13.06 -3.47 -23.99
CA LEU B 347 13.95 -3.37 -25.14
C LEU B 347 15.41 -3.38 -24.74
N HIS B 348 15.73 -2.91 -23.54
CA HIS B 348 17.11 -2.82 -23.05
C HIS B 348 17.43 -3.92 -22.05
N LEU B 349 16.92 -5.11 -22.30
CA LEU B 349 17.13 -6.28 -21.45
C LEU B 349 17.41 -7.45 -22.37
N ARG B 350 18.16 -8.43 -21.89
CA ARG B 350 18.55 -9.53 -22.76
C ARG B 350 17.34 -10.36 -23.17
N ILE B 351 17.04 -10.34 -24.46
CA ILE B 351 15.87 -11.01 -25.04
C ILE B 351 16.37 -12.22 -25.83
N PRO B 352 15.94 -13.44 -25.50
CA PRO B 352 16.42 -14.61 -26.24
C PRO B 352 15.84 -14.66 -27.65
N GLU B 353 16.59 -15.30 -28.53
CA GLU B 353 16.14 -15.50 -29.91
C GLU B 353 15.27 -16.74 -30.01
N ILE B 354 14.48 -16.80 -31.08
CA ILE B 354 13.53 -17.89 -31.28
C ILE B 354 13.96 -18.85 -32.37
N SER B 355 14.59 -18.37 -33.44
CA SER B 355 14.98 -19.25 -34.54
C SER B 355 16.47 -19.10 -34.86
N ASN B 356 16.92 -19.74 -35.92
CA ASN B 356 18.33 -19.69 -36.32
C ASN B 356 18.52 -18.85 -37.58
N PRO B 361 11.83 -14.33 -42.80
CA PRO B 361 11.31 -13.54 -41.69
C PRO B 361 12.28 -13.49 -40.51
N HIS B 362 12.71 -12.28 -40.14
CA HIS B 362 13.65 -12.08 -39.06
C HIS B 362 13.19 -10.90 -38.21
N THR B 363 13.95 -10.60 -37.15
CA THR B 363 13.75 -9.39 -36.37
C THR B 363 12.35 -9.29 -35.79
N LEU B 364 12.02 -10.16 -34.83
CA LEU B 364 10.71 -10.18 -34.19
C LEU B 364 10.21 -8.77 -33.87
N PRO B 365 8.92 -8.53 -34.03
CA PRO B 365 8.40 -7.19 -33.81
C PRO B 365 8.52 -6.75 -32.36
N ALA B 366 8.68 -5.44 -32.16
CA ALA B 366 8.73 -4.90 -30.81
C ALA B 366 7.37 -5.02 -30.13
N ALA B 367 6.30 -5.01 -30.91
CA ALA B 367 4.95 -5.11 -30.34
C ALA B 367 4.79 -6.37 -29.51
N TRP B 368 5.53 -7.43 -29.85
CA TRP B 368 5.46 -8.67 -29.10
C TRP B 368 5.69 -8.42 -27.61
N LEU B 369 6.56 -7.47 -27.28
CA LEU B 369 6.85 -7.19 -25.88
C LEU B 369 5.59 -6.79 -25.13
N THR B 370 4.76 -5.94 -25.73
CA THR B 370 3.52 -5.55 -25.08
C THR B 370 2.67 -6.77 -24.78
N MET B 371 2.67 -7.76 -25.69
CA MET B 371 1.93 -8.99 -25.50
C MET B 371 2.13 -9.55 -24.09
N PHE B 372 3.35 -9.42 -23.56
CA PHE B 372 3.66 -9.96 -22.24
C PHE B 372 2.56 -9.67 -21.24
N ASP B 373 2.19 -8.39 -21.11
CA ASP B 373 1.18 -8.03 -20.13
C ASP B 373 -0.11 -8.81 -20.37
N ALA B 374 -0.64 -8.74 -21.60
CA ALA B 374 -1.88 -9.42 -21.90
C ALA B 374 -1.72 -10.93 -21.79
N VAL B 375 -0.51 -11.45 -22.03
CA VAL B 375 -0.31 -12.89 -21.89
C VAL B 375 -0.61 -13.34 -20.47
N LEU B 376 -0.27 -12.51 -19.49
CA LEU B 376 -0.65 -12.83 -18.12
C LEU B 376 -2.17 -12.80 -17.95
N ILE B 377 -2.82 -11.79 -18.53
CA ILE B 377 -4.22 -11.51 -18.19
C ILE B 377 -5.10 -12.70 -18.52
N LEU B 378 -4.93 -13.26 -19.72
CA LEU B 378 -5.64 -14.49 -20.07
C LEU B 378 -5.48 -15.53 -18.98
N LEU B 379 -4.25 -15.91 -18.66
CA LEU B 379 -4.03 -16.98 -17.70
C LEU B 379 -4.61 -16.64 -16.33
N LEU B 380 -4.90 -15.36 -16.08
CA LEU B 380 -5.44 -14.99 -14.78
C LEU B 380 -6.97 -15.01 -14.77
N ILE B 381 -7.61 -14.64 -15.88
CA ILE B 381 -9.05 -14.33 -15.82
C ILE B 381 -9.91 -15.55 -15.52
N PRO B 382 -9.72 -16.72 -16.17
CA PRO B 382 -10.47 -17.90 -15.74
C PRO B 382 -10.16 -18.25 -14.29
N LEU B 383 -8.89 -18.51 -14.01
CA LEU B 383 -8.46 -18.87 -12.67
C LEU B 383 -9.08 -17.96 -11.62
N LYS B 384 -8.74 -16.67 -11.68
CA LYS B 384 -9.33 -15.67 -10.80
C LYS B 384 -10.81 -15.90 -10.63
N ASP B 385 -11.55 -15.90 -11.74
CA ASP B 385 -12.99 -16.08 -11.72
C ASP B 385 -13.37 -17.17 -10.74
N LYS B 386 -12.90 -18.39 -10.99
CA LYS B 386 -13.20 -19.48 -10.09
C LYS B 386 -12.72 -19.15 -8.67
N LEU B 387 -11.43 -18.93 -8.51
CA LEU B 387 -10.90 -18.67 -7.18
C LEU B 387 -11.33 -17.32 -6.62
N VAL B 388 -12.26 -16.61 -7.27
CA VAL B 388 -12.80 -15.40 -6.67
C VAL B 388 -14.32 -15.52 -6.60
N ASP B 389 -14.91 -16.33 -7.46
CA ASP B 389 -16.37 -16.26 -7.46
C ASP B 389 -16.95 -17.03 -6.27
N PRO B 390 -16.57 -18.30 -6.02
CA PRO B 390 -16.84 -18.87 -4.70
C PRO B 390 -16.15 -18.13 -3.56
N ILE B 391 -14.82 -18.08 -3.61
CA ILE B 391 -14.02 -17.81 -2.41
C ILE B 391 -14.38 -16.45 -1.81
N LEU B 392 -14.44 -15.42 -2.64
CA LEU B 392 -14.69 -14.08 -2.15
C LEU B 392 -16.17 -13.77 -1.97
N ARG B 393 -17.07 -14.68 -2.33
CA ARG B 393 -18.49 -14.39 -2.19
C ARG B 393 -19.08 -14.97 -0.91
N ARG B 394 -18.80 -16.24 -0.63
CA ARG B 394 -19.32 -16.85 0.60
C ARG B 394 -18.70 -16.25 1.85
N HIS B 395 -17.57 -15.57 1.74
CA HIS B 395 -16.93 -14.90 2.86
C HIS B 395 -17.30 -13.43 2.96
N GLY B 396 -18.04 -12.90 2.00
CA GLY B 396 -18.41 -11.49 2.04
C GLY B 396 -17.22 -10.55 2.01
N LEU B 397 -16.23 -10.84 1.19
CA LEU B 397 -15.00 -10.06 1.13
C LEU B 397 -14.97 -9.26 -0.16
N LEU B 398 -14.71 -7.95 -0.05
CA LEU B 398 -14.48 -7.07 -1.18
C LEU B 398 -15.65 -7.10 -2.16
N PRO B 399 -16.87 -6.75 -1.74
CA PRO B 399 -18.01 -6.88 -2.66
C PRO B 399 -18.22 -5.67 -3.56
N SER B 400 -17.80 -4.49 -3.11
CA SER B 400 -18.05 -3.27 -3.85
C SER B 400 -17.05 -3.12 -4.99
N SER B 401 -17.41 -2.27 -5.95
CA SER B 401 -16.59 -2.05 -7.13
C SER B 401 -15.52 -0.99 -6.94
N LEU B 402 -15.52 -0.28 -5.81
CA LEU B 402 -14.54 0.76 -5.55
C LEU B 402 -13.37 0.27 -4.70
N LYS B 403 -13.65 -0.61 -3.73
CA LYS B 403 -12.55 -1.23 -2.99
C LYS B 403 -11.68 -2.07 -3.90
N ARG B 404 -12.26 -2.67 -4.94
CA ARG B 404 -11.45 -3.41 -5.90
C ARG B 404 -10.53 -2.48 -6.70
N ILE B 405 -11.02 -1.28 -7.03
CA ILE B 405 -10.16 -0.29 -7.67
C ILE B 405 -9.04 0.11 -6.73
N ALA B 406 -9.33 0.23 -5.44
CA ALA B 406 -8.29 0.55 -4.46
C ALA B 406 -7.23 -0.55 -4.40
N VAL B 407 -7.66 -1.81 -4.43
CA VAL B 407 -6.72 -2.92 -4.43
C VAL B 407 -5.87 -2.89 -5.71
N GLY B 408 -6.49 -2.59 -6.85
CA GLY B 408 -5.74 -2.46 -8.08
C GLY B 408 -4.69 -1.37 -8.00
N MET B 409 -5.04 -0.23 -7.39
CA MET B 409 -4.06 0.84 -7.21
C MET B 409 -2.91 0.41 -6.31
N PHE B 410 -3.23 -0.34 -5.25
CA PHE B 410 -2.17 -0.86 -4.38
C PHE B 410 -1.19 -1.73 -5.17
N PHE B 411 -1.73 -2.64 -5.98
CA PHE B 411 -0.84 -3.49 -6.77
C PHE B 411 -0.10 -2.73 -7.86
N VAL B 412 -0.68 -1.65 -8.38
CA VAL B 412 0.02 -0.78 -9.32
C VAL B 412 1.24 -0.16 -8.63
N MET B 413 1.06 0.34 -7.42
CA MET B 413 2.19 0.92 -6.68
C MET B 413 3.26 -0.13 -6.41
N CYS B 414 2.86 -1.35 -6.04
CA CYS B 414 3.82 -2.41 -5.81
C CYS B 414 4.60 -2.75 -7.08
N SER B 415 3.90 -2.77 -8.23
CA SER B 415 4.57 -3.01 -9.50
C SER B 415 5.55 -1.90 -9.83
N ALA B 416 5.19 -0.64 -9.54
CA ALA B 416 6.11 0.46 -9.77
C ALA B 416 7.37 0.30 -8.94
N PHE B 417 7.22 -0.09 -7.67
CA PHE B 417 8.39 -0.28 -6.82
C PHE B 417 9.26 -1.42 -7.33
N ALA B 418 8.65 -2.53 -7.76
CA ALA B 418 9.43 -3.63 -8.30
C ALA B 418 10.17 -3.20 -9.57
N ALA B 419 9.51 -2.42 -10.42
CA ALA B 419 10.16 -1.90 -11.61
C ALA B 419 11.33 -1.00 -11.28
N GLY B 420 11.17 -0.15 -10.26
CA GLY B 420 12.28 0.69 -9.83
C GLY B 420 13.46 -0.11 -9.34
N ILE B 421 13.19 -1.16 -8.57
CA ILE B 421 14.28 -2.02 -8.08
C ILE B 421 15.00 -2.68 -9.24
N LEU B 422 14.23 -3.23 -10.20
CA LEU B 422 14.86 -3.89 -11.34
C LEU B 422 15.65 -2.89 -12.19
N GLU B 423 15.15 -1.67 -12.33
CA GLU B 423 15.87 -0.67 -13.11
C GLU B 423 17.17 -0.26 -12.42
N SER B 424 17.14 -0.14 -11.10
CA SER B 424 18.38 0.14 -10.37
C SER B 424 19.39 -0.99 -10.56
N LYS B 425 18.94 -2.24 -10.50
CA LYS B 425 19.83 -3.36 -10.75
C LYS B 425 20.40 -3.31 -12.16
N ARG B 426 19.55 -3.01 -13.15
CA ARG B 426 20.01 -2.94 -14.54
C ARG B 426 21.02 -1.83 -14.75
N LEU B 427 20.78 -0.66 -14.13
CA LEU B 427 21.70 0.45 -14.27
C LEU B 427 23.02 0.18 -13.56
N ASN B 428 22.99 -0.58 -12.47
CA ASN B 428 24.24 -1.00 -11.84
C ASN B 428 24.99 -2.00 -12.70
N LEU B 429 24.26 -2.90 -13.37
CA LEU B 429 24.91 -3.93 -14.17
C LEU B 429 25.45 -3.39 -15.49
N VAL B 430 24.81 -2.36 -16.04
CA VAL B 430 25.18 -1.89 -17.38
C VAL B 430 26.56 -1.24 -17.38
N LYS B 431 27.01 -0.73 -16.24
CA LYS B 431 28.32 -0.10 -16.19
C LYS B 431 29.46 -1.08 -16.45
N GLU B 432 29.23 -2.37 -16.24
CA GLU B 432 30.29 -3.36 -16.44
C GLU B 432 30.42 -3.72 -17.92
N LYS B 433 29.34 -4.21 -18.53
CA LYS B 433 29.37 -4.61 -19.92
C LYS B 433 27.99 -4.40 -20.53
N THR B 434 27.96 -4.33 -21.86
CA THR B 434 26.71 -4.14 -22.58
C THR B 434 26.78 -4.92 -23.89
N ILE B 435 25.63 -5.47 -24.31
CA ILE B 435 25.53 -6.22 -25.54
C ILE B 435 24.57 -5.49 -26.47
N ASN B 436 24.62 -5.86 -27.75
CA ASN B 436 23.76 -5.27 -28.77
C ASN B 436 22.79 -6.32 -29.30
N GLN B 437 21.51 -5.98 -29.33
CA GLN B 437 20.49 -6.88 -29.86
C GLN B 437 19.56 -6.12 -30.78
N THR B 438 19.18 -6.72 -31.90
CA THR B 438 18.35 -6.06 -32.90
C THR B 438 16.89 -6.42 -32.71
N ILE B 439 16.02 -5.41 -32.73
CA ILE B 439 14.58 -5.59 -32.59
C ILE B 439 13.92 -4.76 -33.69
N GLY B 440 13.44 -5.41 -34.74
CA GLY B 440 12.87 -4.70 -35.87
C GLY B 440 13.93 -4.33 -36.89
N ASN B 441 14.41 -3.09 -36.81
CA ASN B 441 15.54 -2.69 -37.64
C ASN B 441 16.52 -1.81 -36.86
N VAL B 442 16.40 -1.77 -35.54
CA VAL B 442 17.24 -0.95 -34.68
C VAL B 442 17.88 -1.84 -33.62
N VAL B 443 19.14 -1.57 -33.32
CA VAL B 443 19.89 -2.32 -32.32
C VAL B 443 19.86 -1.54 -31.01
N TYR B 444 19.46 -2.23 -29.95
CA TYR B 444 19.44 -1.68 -28.60
C TYR B 444 20.63 -2.22 -27.81
N HIS B 445 21.16 -1.37 -26.94
CA HIS B 445 22.22 -1.75 -26.01
C HIS B 445 21.58 -2.20 -24.71
N ALA B 446 21.78 -3.47 -24.37
CA ALA B 446 21.12 -4.11 -23.24
C ALA B 446 22.13 -4.73 -22.31
N ALA B 447 21.82 -4.71 -21.02
CA ALA B 447 22.63 -5.41 -20.04
C ALA B 447 22.42 -6.92 -20.15
N ASP B 448 23.35 -7.67 -19.56
CA ASP B 448 23.27 -9.13 -19.59
C ASP B 448 22.42 -9.65 -18.44
N LEU B 449 21.20 -9.10 -18.36
CA LEU B 449 20.22 -9.47 -17.35
C LEU B 449 19.00 -10.00 -18.07
N SER B 450 18.54 -11.18 -17.69
CA SER B 450 17.52 -11.89 -18.45
C SER B 450 16.20 -11.13 -18.47
N LEU B 451 15.47 -11.24 -19.59
CA LEU B 451 14.19 -10.56 -19.72
C LEU B 451 13.16 -11.12 -18.76
N TRP B 452 13.22 -12.41 -18.45
CA TRP B 452 12.24 -13.04 -17.58
C TRP B 452 12.30 -12.50 -16.16
N TRP B 453 13.36 -11.81 -15.78
CA TRP B 453 13.40 -11.14 -14.48
C TRP B 453 12.38 -10.02 -14.39
N GLN B 454 11.80 -9.62 -15.52
CA GLN B 454 10.72 -8.66 -15.58
C GLN B 454 9.36 -9.28 -15.30
N VAL B 455 9.30 -10.60 -15.11
CA VAL B 455 8.02 -11.26 -14.83
C VAL B 455 7.38 -10.74 -13.55
N PRO B 456 8.09 -10.56 -12.42
CA PRO B 456 7.41 -10.07 -11.21
C PRO B 456 6.73 -8.73 -11.39
N GLN B 457 7.18 -7.89 -12.33
CA GLN B 457 6.48 -6.64 -12.58
C GLN B 457 5.09 -6.92 -13.14
N TYR B 458 5.04 -7.68 -14.23
CA TYR B 458 3.82 -7.86 -15.02
C TYR B 458 2.75 -8.65 -14.28
N LEU B 459 3.14 -9.44 -13.27
CA LEU B 459 2.13 -10.02 -12.40
C LEU B 459 1.39 -8.95 -11.63
N LEU B 460 2.14 -8.04 -11.00
CA LEU B 460 1.53 -7.09 -10.07
C LEU B 460 0.57 -6.15 -10.80
N ILE B 461 0.96 -5.64 -11.97
CA ILE B 461 0.01 -4.88 -12.76
C ILE B 461 -1.10 -5.78 -13.32
N GLY B 462 -0.76 -7.02 -13.68
CA GLY B 462 -1.79 -7.92 -14.19
C GLY B 462 -2.90 -8.13 -13.18
N ILE B 463 -2.53 -8.42 -11.93
CA ILE B 463 -3.51 -8.51 -10.85
C ILE B 463 -4.28 -7.20 -10.75
N SER B 464 -3.57 -6.07 -10.90
CA SER B 464 -4.25 -4.78 -10.92
C SER B 464 -5.32 -4.73 -12.01
N GLU B 465 -4.97 -5.16 -13.22
CA GLU B 465 -5.95 -5.15 -14.29
C GLU B 465 -7.04 -6.18 -14.06
N ILE B 466 -6.80 -7.16 -13.19
CA ILE B 466 -7.86 -8.05 -12.75
C ILE B 466 -8.86 -7.29 -11.89
N PHE B 467 -8.38 -6.38 -11.07
CA PHE B 467 -9.23 -5.69 -10.10
C PHE B 467 -9.67 -4.31 -10.59
N ALA B 468 -8.72 -3.43 -10.87
CA ALA B 468 -9.06 -2.04 -11.16
C ALA B 468 -9.73 -1.89 -12.53
N SER B 469 -9.26 -2.66 -13.52
CA SER B 469 -9.76 -2.46 -14.88
C SER B 469 -11.20 -2.91 -15.03
N ILE B 470 -11.53 -4.11 -14.53
CA ILE B 470 -12.89 -4.62 -14.65
C ILE B 470 -13.83 -3.86 -13.73
N ALA B 471 -13.40 -3.62 -12.48
CA ALA B 471 -14.27 -2.95 -11.52
C ALA B 471 -14.57 -1.53 -11.93
N GLY B 472 -13.66 -0.87 -12.64
CA GLY B 472 -13.96 0.46 -13.16
C GLY B 472 -15.13 0.43 -14.13
N LEU B 473 -15.13 -0.55 -15.03
CA LEU B 473 -16.25 -0.70 -15.96
C LEU B 473 -17.53 -1.06 -15.21
N GLU B 474 -17.44 -1.93 -14.21
CA GLU B 474 -18.63 -2.30 -13.45
C GLU B 474 -19.22 -1.08 -12.74
N PHE B 475 -18.37 -0.25 -12.13
CA PHE B 475 -18.85 0.95 -11.46
C PHE B 475 -19.43 1.94 -12.47
N ALA B 476 -18.79 2.09 -13.63
CA ALA B 476 -19.32 2.99 -14.65
C ALA B 476 -20.68 2.52 -15.15
N TYR B 477 -20.89 1.20 -15.21
CA TYR B 477 -22.16 0.67 -15.70
C TYR B 477 -23.25 0.79 -14.65
N SER B 478 -22.98 0.31 -13.43
CA SER B 478 -24.02 0.25 -12.41
C SER B 478 -24.35 1.64 -11.87
N ALA B 479 -23.34 2.44 -11.58
CA ALA B 479 -23.54 3.78 -11.01
C ALA B 479 -23.71 4.79 -12.14
N ALA B 480 -24.84 4.67 -12.84
CA ALA B 480 -25.14 5.54 -13.97
C ALA B 480 -26.65 5.53 -14.19
N PRO B 481 -27.23 6.64 -14.61
CA PRO B 481 -28.67 6.64 -14.89
C PRO B 481 -29.02 5.70 -16.04
N LYS B 482 -30.24 5.16 -15.97
CA LYS B 482 -30.68 4.22 -17.00
C LYS B 482 -30.73 4.88 -18.37
N SER B 483 -31.16 6.14 -18.44
CA SER B 483 -31.28 6.82 -19.72
C SER B 483 -29.91 7.16 -20.31
N MET B 484 -28.95 7.54 -19.47
CA MET B 484 -27.64 7.99 -19.94
C MET B 484 -26.61 6.88 -19.98
N GLN B 485 -27.03 5.62 -19.96
CA GLN B 485 -26.08 4.54 -20.16
C GLN B 485 -25.47 4.65 -21.54
N SER B 486 -24.18 4.28 -21.63
CA SER B 486 -23.31 4.43 -22.80
C SER B 486 -22.88 5.87 -23.03
N ALA B 487 -23.43 6.83 -22.28
CA ALA B 487 -22.90 8.18 -22.23
C ALA B 487 -21.99 8.40 -21.03
N ILE B 488 -22.27 7.72 -19.91
CA ILE B 488 -21.35 7.71 -18.79
C ILE B 488 -20.08 6.95 -19.14
N MET B 489 -20.22 5.86 -19.91
CA MET B 489 -19.03 5.18 -20.43
C MET B 489 -18.24 6.08 -21.36
N GLY B 490 -18.93 6.97 -22.09
CA GLY B 490 -18.21 7.95 -22.89
C GLY B 490 -17.34 8.84 -22.04
N LEU B 491 -17.88 9.32 -20.92
CA LEU B 491 -17.07 10.14 -20.01
C LEU B 491 -15.94 9.32 -19.39
N PHE B 492 -16.20 8.05 -19.09
CA PHE B 492 -15.16 7.18 -18.54
C PHE B 492 -13.98 7.08 -19.51
N PHE B 493 -14.26 6.77 -20.78
CA PHE B 493 -13.20 6.62 -21.75
C PHE B 493 -12.59 7.96 -22.17
N PHE B 494 -13.32 9.06 -21.97
CA PHE B 494 -12.74 10.39 -22.22
C PHE B 494 -11.78 10.79 -21.11
N PHE B 495 -12.13 10.51 -19.85
CA PHE B 495 -11.22 10.79 -18.75
C PHE B 495 -10.01 9.87 -18.78
N SER B 496 -10.17 8.65 -19.30
CA SER B 496 -9.00 7.82 -19.57
C SER B 496 -8.04 8.50 -20.54
N GLY B 497 -8.55 9.11 -21.61
CA GLY B 497 -7.71 9.85 -22.54
C GLY B 497 -7.08 11.08 -21.94
N VAL B 498 -7.83 11.77 -21.08
CA VAL B 498 -7.26 12.91 -20.37
C VAL B 498 -6.11 12.47 -19.48
N GLY B 499 -6.27 11.34 -18.78
CA GLY B 499 -5.19 10.80 -17.99
C GLY B 499 -3.99 10.41 -18.84
N SER B 500 -4.24 9.81 -20.00
CA SER B 500 -3.14 9.46 -20.90
C SER B 500 -2.37 10.71 -21.35
N PHE B 501 -3.09 11.77 -21.69
CA PHE B 501 -2.42 12.98 -22.17
C PHE B 501 -1.65 13.67 -21.05
N VAL B 502 -2.23 13.74 -19.84
CA VAL B 502 -1.48 14.34 -18.75
C VAL B 502 -0.29 13.48 -18.37
N GLY B 503 -0.38 12.17 -18.58
CA GLY B 503 0.81 11.33 -18.40
C GLY B 503 1.89 11.61 -19.42
N SER B 504 1.49 11.82 -20.67
CA SER B 504 2.47 12.22 -21.68
C SER B 504 3.12 13.55 -21.32
N GLY B 505 2.33 14.49 -20.82
CA GLY B 505 2.89 15.75 -20.35
C GLY B 505 3.85 15.55 -19.19
N LEU B 506 3.52 14.64 -18.27
CA LEU B 506 4.40 14.34 -17.14
C LEU B 506 5.73 13.76 -17.63
N LEU B 507 5.67 12.88 -18.62
CA LEU B 507 6.90 12.35 -19.21
C LEU B 507 7.70 13.45 -19.86
N ALA B 508 7.03 14.38 -20.55
CA ALA B 508 7.72 15.53 -21.13
C ALA B 508 8.32 16.44 -20.06
N LEU B 509 7.76 16.44 -18.85
CA LEU B 509 8.24 17.32 -17.79
C LEU B 509 9.59 16.86 -17.23
N VAL B 510 9.75 15.56 -16.99
CA VAL B 510 10.94 15.04 -16.35
C VAL B 510 12.08 14.94 -17.35
N SER B 511 11.82 15.31 -18.61
CA SER B 511 12.82 15.27 -19.65
C SER B 511 13.51 16.61 -19.86
N ILE B 512 13.18 17.62 -19.06
CA ILE B 512 13.80 18.93 -19.24
C ILE B 512 15.23 18.91 -18.71
N LYS B 513 16.01 19.92 -19.09
CA LYS B 513 17.40 19.99 -18.69
C LYS B 513 17.54 20.22 -17.18
N ALA B 514 16.56 20.86 -16.56
CA ALA B 514 16.63 21.12 -15.12
C ALA B 514 16.63 19.82 -14.32
N ILE B 515 15.78 18.87 -14.71
CA ILE B 515 15.70 17.59 -14.01
C ILE B 515 16.63 16.59 -14.68
N GLY B 516 16.44 16.39 -15.98
CA GLY B 516 17.32 15.53 -16.74
C GLY B 516 17.13 14.05 -16.52
N TRP B 517 15.99 13.62 -15.97
CA TRP B 517 15.74 12.20 -15.78
C TRP B 517 15.64 11.49 -17.12
N MET B 518 14.97 12.10 -18.09
CA MET B 518 14.78 11.53 -19.42
C MET B 518 15.38 12.43 -20.50
N SER B 519 16.60 12.90 -20.26
CA SER B 519 17.24 13.82 -21.21
C SER B 519 17.60 13.13 -22.53
N SER B 520 17.59 11.81 -22.58
CA SER B 520 17.92 11.09 -23.81
C SER B 520 17.08 9.82 -23.96
N GLY B 525 17.39 6.44 -28.72
CA GLY B 525 16.56 5.38 -28.17
C GLY B 525 17.20 4.68 -26.99
N ASN B 526 18.44 5.06 -26.68
CA ASN B 526 19.16 4.45 -25.58
C ASN B 526 18.78 5.10 -24.26
N ILE B 527 18.42 4.29 -23.27
CA ILE B 527 18.04 4.79 -21.96
C ILE B 527 19.07 4.42 -20.89
N ASN B 528 20.27 4.00 -21.31
CA ASN B 528 21.33 3.69 -20.35
C ASN B 528 21.82 4.95 -19.63
N GLY B 529 21.60 6.12 -20.20
CA GLY B 529 21.92 7.38 -19.55
C GLY B 529 20.74 8.06 -18.90
N CYS B 530 19.57 7.43 -18.84
CA CYS B 530 18.37 8.00 -18.26
C CYS B 530 18.02 7.26 -16.99
N TYR B 531 17.71 8.01 -15.92
CA TYR B 531 17.34 7.41 -14.64
C TYR B 531 15.86 7.02 -14.67
N LEU B 532 15.61 5.85 -15.25
CA LEU B 532 14.24 5.34 -15.28
C LEU B 532 13.78 4.90 -13.89
N ASN B 533 14.72 4.57 -13.00
CA ASN B 533 14.35 4.16 -11.64
C ASN B 533 13.70 5.31 -10.87
N TYR B 534 14.25 6.52 -11.01
CA TYR B 534 13.62 7.67 -10.36
C TYR B 534 12.23 7.93 -10.91
N TYR B 535 12.05 7.74 -12.22
CA TYR B 535 10.73 7.88 -12.81
C TYR B 535 9.76 6.84 -12.25
N PHE B 536 10.22 5.60 -12.08
CA PHE B 536 9.37 4.56 -11.52
C PHE B 536 9.00 4.87 -10.08
N PHE B 537 9.95 5.38 -9.30
CA PHE B 537 9.66 5.74 -7.92
C PHE B 537 8.69 6.92 -7.84
N LEU B 538 8.83 7.89 -8.75
CA LEU B 538 7.87 9.00 -8.80
C LEU B 538 6.48 8.49 -9.16
N LEU B 539 6.39 7.55 -10.10
CA LEU B 539 5.10 6.95 -10.43
C LEU B 539 4.51 6.22 -9.23
N ALA B 540 5.35 5.52 -8.46
CA ALA B 540 4.87 4.84 -7.26
C ALA B 540 4.33 5.83 -6.23
N ALA B 541 5.03 6.95 -6.04
CA ALA B 541 4.56 7.97 -5.11
C ALA B 541 3.23 8.58 -5.56
N ILE B 542 3.12 8.87 -6.87
CA ILE B 542 1.87 9.39 -7.41
C ILE B 542 0.74 8.39 -7.21
N GLN B 543 1.02 7.10 -7.41
CA GLN B 543 0.00 6.08 -7.22
C GLN B 543 -0.40 5.95 -5.76
N GLY B 544 0.55 6.11 -4.83
CA GLY B 544 0.18 6.09 -3.42
C GLY B 544 -0.71 7.25 -3.02
N ALA B 545 -0.36 8.46 -3.48
CA ALA B 545 -1.21 9.62 -3.20
C ALA B 545 -2.59 9.44 -3.84
N THR B 546 -2.64 8.87 -5.04
CA THR B 546 -3.91 8.58 -5.69
C THR B 546 -4.71 7.55 -4.90
N LEU B 547 -4.03 6.56 -4.33
CA LEU B 547 -4.70 5.56 -3.50
C LEU B 547 -5.37 6.22 -2.31
N LEU B 548 -4.64 7.10 -1.62
CA LEU B 548 -5.22 7.77 -0.45
C LEU B 548 -6.40 8.65 -0.84
N LEU B 549 -6.23 9.46 -1.89
CA LEU B 549 -7.31 10.35 -2.33
C LEU B 549 -8.53 9.55 -2.78
N PHE B 550 -8.30 8.44 -3.49
CA PHE B 550 -9.41 7.63 -3.96
C PHE B 550 -10.11 6.92 -2.81
N LEU B 551 -9.36 6.51 -1.78
CA LEU B 551 -10.00 5.94 -0.61
C LEU B 551 -10.93 6.96 0.05
N ILE B 552 -10.45 8.20 0.21
CA ILE B 552 -11.29 9.24 0.80
C ILE B 552 -12.52 9.49 -0.06
N ILE B 553 -12.33 9.60 -1.38
CA ILE B 553 -13.45 9.88 -2.28
C ILE B 553 -14.45 8.75 -2.26
N SER B 554 -13.98 7.50 -2.26
CA SER B 554 -14.88 6.35 -2.23
C SER B 554 -15.67 6.29 -0.93
N VAL B 555 -15.02 6.60 0.20
CA VAL B 555 -15.75 6.62 1.46
C VAL B 555 -16.82 7.70 1.45
N LYS B 556 -16.48 8.89 0.95
CA LYS B 556 -17.47 9.97 0.90
C LYS B 556 -18.62 9.63 -0.04
N TYR B 557 -18.31 8.99 -1.17
CA TYR B 557 -19.34 8.64 -2.14
C TYR B 557 -20.34 7.63 -1.58
N ASP B 558 -19.85 6.63 -0.87
CA ASP B 558 -20.71 5.60 -0.30
C ASP B 558 -21.47 6.14 0.91
C1 NAG C . 39.88 5.58 7.73
C2 NAG C . 41.02 6.52 7.38
C3 NAG C . 42.18 5.78 6.74
C4 NAG C . 42.65 4.71 7.71
C5 NAG C . 41.49 3.81 8.04
C6 NAG C . 41.92 2.75 9.03
C7 NAG C . 40.39 8.78 7.00
C8 NAG C . 39.89 9.82 6.04
N2 NAG C . 40.55 7.56 6.51
O3 NAG C . 43.26 6.69 6.49
O4 NAG C . 43.75 3.98 7.16
O5 NAG C . 40.42 4.58 8.59
O6 NAG C . 42.51 3.38 10.17
O7 NAG C . 40.66 9.02 8.16
C1 CLR D . -10.11 -5.49 1.98
C2 CLR D . -11.34 -4.97 2.73
C3 CLR D . -12.50 -5.89 2.41
C4 CLR D . -12.18 -7.11 3.19
C5 CLR D . -10.98 -7.73 2.54
C6 CLR D . -11.03 -9.01 2.25
C7 CLR D . -10.68 -9.43 0.86
C8 CLR D . -9.26 -8.99 0.71
C9 CLR D . -9.07 -7.51 0.96
C10 CLR D . -9.74 -6.94 2.22
C11 CLR D . -7.57 -7.28 0.91
C12 CLR D . -6.93 -7.74 -0.41
C13 CLR D . -7.30 -9.16 -0.76
C14 CLR D . -8.80 -9.19 -0.69
C15 CLR D . -9.18 -10.50 -1.34
C16 CLR D . -8.20 -10.56 -2.50
C17 CLR D . -7.03 -9.65 -2.16
C18 CLR D . -6.65 -10.13 0.21
C19 CLR D . -8.77 -7.05 3.40
C20 CLR D . -5.77 -10.43 -2.33
C21 CLR D . -4.87 -9.78 -3.35
C22 CLR D . -6.06 -11.79 -2.91
C23 CLR D . -5.36 -11.84 -4.26
C24 CLR D . -5.57 -13.20 -4.87
C25 CLR D . -4.55 -13.40 -5.97
C26 CLR D . -4.99 -12.66 -7.22
C27 CLR D . -3.22 -12.88 -5.46
O1 CLR D . -13.74 -5.34 2.85
C1 CLR E . 16.76 11.70 -0.81
C2 CLR E . 17.93 12.23 -1.62
C3 CLR E . 18.99 11.17 -1.91
C4 CLR E . 18.36 9.96 -2.56
C5 CLR E . 17.08 9.59 -1.87
C6 CLR E . 16.92 8.32 -1.50
C7 CLR E . 15.60 7.80 -1.02
C8 CLR E . 14.53 8.70 -1.56
C9 CLR E . 14.77 10.08 -0.99
C10 CLR E . 16.04 10.65 -1.63
C11 CLR E . 13.56 10.97 -1.30
C12 CLR E . 12.21 10.34 -0.94
C13 CLR E . 12.07 9.00 -1.65
C14 CLR E . 13.20 8.13 -1.20
C15 CLR E . 12.88 6.89 -1.98
C16 CLR E . 11.36 6.77 -1.90
C17 CLR E . 10.87 8.10 -1.38
C18 CLR E . 12.17 9.15 -3.14
C19 CLR E . 15.61 11.27 -2.95
C20 CLR E . 9.57 8.45 -2.10
C21 CLR E . 8.77 9.47 -1.31
C22 CLR E . 8.71 7.21 -2.38
C23 CLR E . 7.85 6.89 -1.17
C24 CLR E . 6.52 6.26 -1.55
C25 CLR E . 5.38 7.25 -1.45
C26 CLR E . 4.02 6.59 -1.58
C27 CLR E . 5.48 8.02 -0.15
O1 CLR E . 19.97 11.71 -2.81
C1 NAG F . 27.84 -2.62 -30.00
C2 NAG F . 29.03 -3.46 -30.44
C3 NAG F . 30.28 -2.63 -30.58
C4 NAG F . 30.00 -1.55 -31.61
C5 NAG F . 28.80 -0.75 -31.16
C6 NAG F . 28.47 0.32 -32.19
C7 NAG F . 28.93 -5.76 -29.81
C8 NAG F . 29.17 -6.81 -28.76
N2 NAG F . 29.24 -4.52 -29.47
O3 NAG F . 31.37 -3.43 -31.04
O4 NAG F . 31.15 -0.72 -31.81
O5 NAG F . 27.68 -1.62 -31.00
O6 NAG F . 28.32 -0.29 -33.48
O7 NAG F . 28.47 -6.02 -30.90
C1 CLR G . 14.85 -10.16 -9.85
C2 CLR G . 16.31 -10.59 -9.91
C3 CLR G . 17.25 -9.43 -10.27
C4 CLR G . 17.04 -8.25 -9.36
C5 CLR G . 15.57 -7.99 -9.14
C6 CLR G . 15.13 -6.76 -9.30
C7 CLR G . 13.74 -6.35 -8.90
C8 CLR G . 13.27 -7.32 -7.86
C9 CLR G . 13.23 -8.69 -8.49
C10 CLR G . 14.67 -9.14 -8.74
C11 CLR G . 12.51 -9.66 -7.54
C12 CLR G . 11.17 -9.15 -7.02
C13 CLR G . 11.37 -7.81 -6.33
C14 CLR G . 11.94 -6.86 -7.34
C15 CLR G . 12.06 -5.63 -6.50
C16 CLR G . 10.79 -5.64 -5.65
C17 CLR G . 10.18 -7.01 -5.81
C18 CLR G . 12.35 -7.91 -5.19
C19 CLR G . 15.16 -9.76 -7.44
C20 CLR G . 9.60 -7.44 -4.48
C21 CLR G . 8.56 -8.55 -4.66
C22 CLR G . 8.98 -6.27 -3.71
C23 CLR G . 7.54 -6.07 -4.16
C24 CLR G . 6.65 -5.51 -3.05
C25 CLR G . 5.76 -6.60 -2.48
C26 CLR G . 4.69 -6.03 -1.55
C27 CLR G . 5.12 -7.38 -3.60
O1 CLR G . 18.61 -9.86 -10.15
C1 CLR H . -9.71 4.63 4.56
C2 CLR H . -11.09 4.01 4.66
C3 CLR H . -11.91 4.82 5.64
C4 CLR H . -12.21 6.07 4.84
C5 CLR H . -10.91 6.79 4.67
C6 CLR H . -10.89 8.07 4.97
C7 CLR H . -9.81 8.54 5.90
C8 CLR H . -8.55 8.22 5.15
C9 CLR H . -8.44 6.75 4.81
C10 CLR H . -9.67 6.11 4.18
C11 CLR H . -7.18 6.64 3.96
C12 CLR H . -5.93 7.18 4.65
C13 CLR H . -6.13 8.58 5.19
C14 CLR H . -7.36 8.50 6.03
C15 CLR H . -7.40 9.78 6.81
C16 CLR H . -5.93 9.96 7.16
C17 CLR H . -5.12 9.13 6.18
C18 CLR H . -6.26 9.58 4.05
C19 CLR H . -9.60 6.26 2.67
C20 CLR H . -4.06 10.01 5.58
C21 CLR H . -2.68 9.46 5.85
C22 CLR H . -4.06 11.36 6.25
C23 CLR H . -2.71 11.49 6.93
C24 CLR H . -2.61 12.86 7.57
C25 CLR H . -1.16 13.16 7.87
C26 CLR H . -0.70 12.42 9.11
C27 CLR H . -0.36 12.74 6.65
O1 CLR H . -13.12 4.18 6.00
#